data_2QRE
#
_entry.id   2QRE
#
_cell.length_a   168.470
_cell.length_b   78.146
_cell.length_c   108.512
_cell.angle_alpha   90.00
_cell.angle_beta   124.04
_cell.angle_gamma   90.00
#
_symmetry.space_group_name_H-M   'C 1 2 1'
#
loop_
_entity.id
_entity.type
_entity.pdbx_description
1 polymer 'SNF1-like protein kinase ssp2'
2 polymer 'SPCC1919.03c protein'
3 polymer 'Protein C1556.08c'
4 non-polymer 'AMINOIMIDAZOLE 4-CARBOXAMIDE RIBONUCLEOTIDE'
5 water water
#
loop_
_entity_poly.entity_id
_entity_poly.type
_entity_poly.pdbx_seq_one_letter_code
_entity_poly.pdbx_strand_id
1 'polypeptide(L)'
;SQSTRKKSRRNKWHFGVRCRGDAPEILLAVYRALQRAGAQFTVPKPVNGKYRSDMYTIKSRWEIPHCKREGKNTYAYIEL
QLYEVMPGCFMLDVKSNGYKDIYSHPERTADHGMDDLKSSFPFLDLCAMLVCKLFSA
;
A,C
2 'polypeptide(L)'
;MSESEQYSTEIPAFLTSNTLQELKLPKPPSLPPHLEKCILNSNTAYKEDQSVLPNPNHVLLNHLAAANTQLGVLALSATT
RYHRKYVTTAMFKNFDV
;
B,D
3 'polypeptide(L)'
;AMDVQETQKGALKEIQAFIRSRTSYDVLPTSFRLIVFDVTLFVKTSLSLLTLNNIVSAPLWDSEANKFAGLLTMADFVNV
IKYYYQSSSFPEAIAEIDKFRLLGLREVERKIGAIPPETIYVHPMHSLMDACLAMSKSRARRIPLIDVDGETGSEMIVSV
LTQYRILKFISMNCKETAMLRVPLNQMTIGTWSNLATASMETKVYDVIKMLAEKNISAVPIVNSEGTLLNVYESVDVMHL
IQDGDYSNLDLSVGEALLKRPANFDGVHTCRATDRLDGIFDAIKHSRVHRLFVVDENLKLEGILSLADILNYIIYDKTTT
PGVPEQTDNFESAV
;
G,E
#
# COMPACT_ATOMS: atom_id res chain seq x y z
N LYS A 12 -9.14 -18.92 -6.49
CA LYS A 12 -7.88 -18.42 -5.81
C LYS A 12 -7.22 -19.41 -4.83
N TRP A 13 -7.98 -19.91 -3.85
CA TRP A 13 -7.47 -20.88 -2.87
C TRP A 13 -7.26 -22.24 -3.50
N HIS A 14 -6.07 -22.79 -3.26
CA HIS A 14 -5.65 -24.09 -3.78
C HIS A 14 -4.59 -24.68 -2.84
N PHE A 15 -4.51 -26.00 -2.77
CA PHE A 15 -3.56 -26.64 -1.86
C PHE A 15 -2.12 -26.30 -2.19
N GLY A 16 -1.24 -26.45 -1.21
CA GLY A 16 0.20 -26.25 -1.35
C GLY A 16 0.68 -25.10 -2.23
N VAL A 17 1.94 -25.20 -2.64
CA VAL A 17 2.55 -24.18 -3.47
C VAL A 17 2.81 -24.68 -4.91
N ARG A 18 2.32 -23.90 -5.87
CA ARG A 18 2.52 -24.17 -7.28
C ARG A 18 3.98 -24.03 -7.61
N CYS A 19 4.45 -24.87 -8.53
CA CYS A 19 5.77 -24.74 -9.11
C CYS A 19 5.78 -25.40 -10.46
N ARG A 20 6.46 -24.77 -11.40
CA ARG A 20 6.58 -25.29 -12.77
C ARG A 20 8.06 -25.44 -13.12
N GLY A 21 8.39 -26.40 -13.99
CA GLY A 21 9.78 -26.64 -14.39
C GLY A 21 10.20 -28.09 -14.46
N ASP A 22 11.41 -28.36 -13.97
CA ASP A 22 12.04 -29.66 -14.12
C ASP A 22 11.92 -30.47 -12.86
N ALA A 23 11.55 -31.74 -13.01
CA ALA A 23 11.27 -32.67 -11.90
C ALA A 23 12.17 -32.49 -10.67
N PRO A 24 13.48 -32.79 -10.81
CA PRO A 24 14.35 -32.74 -9.65
C PRO A 24 15.06 -31.39 -9.47
N GLU A 25 14.70 -30.42 -10.30
CA GLU A 25 15.20 -29.07 -10.14
C GLU A 25 14.39 -28.32 -9.07
N ILE A 26 13.10 -28.60 -9.00
CA ILE A 26 12.26 -28.11 -7.91
C ILE A 26 12.52 -28.89 -6.64
N LEU A 27 12.72 -30.19 -6.77
CA LEU A 27 13.03 -30.99 -5.62
C LEU A 27 14.30 -30.45 -4.95
N LEU A 28 15.26 -29.99 -5.75
CA LEU A 28 16.47 -29.37 -5.24
C LEU A 28 16.18 -27.97 -4.70
N ALA A 29 15.33 -27.23 -5.40
CA ALA A 29 14.84 -25.98 -4.88
C ALA A 29 14.30 -26.25 -3.46
N VAL A 30 13.32 -27.16 -3.36
CA VAL A 30 12.71 -27.54 -2.08
C VAL A 30 13.72 -28.05 -1.01
N TYR A 31 14.79 -28.71 -1.45
CA TYR A 31 15.81 -29.09 -0.49
C TYR A 31 16.58 -27.90 0.05
N ARG A 32 17.04 -27.02 -0.85
CA ARG A 32 17.84 -25.83 -0.46
C ARG A 32 17.08 -24.82 0.40
N ALA A 33 15.79 -24.69 0.13
CA ALA A 33 14.88 -23.90 0.94
C ALA A 33 14.73 -24.46 2.37
N LEU A 34 14.72 -25.79 2.50
CA LEU A 34 14.57 -26.44 3.80
C LEU A 34 15.81 -26.22 4.67
N GLN A 35 16.98 -26.33 4.05
CA GLN A 35 18.24 -26.08 4.73
C GLN A 35 18.21 -24.70 5.34
N ARG A 36 17.84 -23.71 4.53
CA ARG A 36 17.88 -22.29 4.93
C ARG A 36 17.09 -21.94 6.18
N ALA A 37 15.92 -22.58 6.34
CA ALA A 37 15.08 -22.40 7.52
C ALA A 37 15.68 -23.09 8.74
N GLY A 38 16.49 -24.12 8.49
CA GLY A 38 17.08 -24.91 9.55
C GLY A 38 16.57 -26.34 9.51
N ALA A 39 15.31 -26.48 9.09
CA ALA A 39 14.63 -27.77 9.12
C ALA A 39 15.53 -28.85 8.59
N GLN A 40 15.54 -29.98 9.29
CA GLN A 40 16.23 -31.16 8.82
C GLN A 40 15.24 -31.94 8.01
N PHE A 41 15.75 -32.91 7.28
CA PHE A 41 14.99 -33.57 6.24
C PHE A 41 15.50 -34.96 5.97
N THR A 42 14.66 -35.79 5.36
CA THR A 42 15.05 -37.14 4.98
C THR A 42 15.60 -37.04 3.57
N VAL A 43 16.24 -38.10 3.11
CA VAL A 43 16.96 -38.05 1.85
C VAL A 43 16.62 -39.31 1.05
N PRO A 44 16.49 -39.18 -0.30
CA PRO A 44 16.21 -40.35 -1.12
C PRO A 44 17.20 -41.45 -0.85
N LYS A 45 16.65 -42.65 -0.67
CA LYS A 45 17.41 -43.87 -0.59
C LYS A 45 17.26 -44.57 -1.94
N PRO A 46 18.27 -44.42 -2.83
CA PRO A 46 18.26 -45.14 -4.11
C PRO A 46 18.19 -46.65 -3.89
N VAL A 47 17.39 -47.32 -4.73
CA VAL A 47 17.13 -48.76 -4.58
C VAL A 47 18.25 -49.61 -5.21
N ASN A 48 19.44 -49.48 -4.65
CA ASN A 48 20.67 -50.16 -5.10
C ASN A 48 21.13 -49.73 -6.50
N SER A 53 10.74 -43.55 -6.55
CA SER A 53 9.82 -42.44 -6.80
C SER A 53 9.51 -41.65 -5.53
N ASP A 54 9.73 -42.28 -4.39
CA ASP A 54 9.43 -41.66 -3.12
C ASP A 54 10.38 -40.51 -2.79
N MET A 55 11.34 -40.26 -3.67
CA MET A 55 12.31 -39.18 -3.50
C MET A 55 11.65 -37.79 -3.45
N TYR A 56 10.39 -37.75 -3.91
CA TYR A 56 9.55 -36.55 -3.86
C TYR A 56 8.63 -36.53 -2.64
N THR A 57 8.89 -37.43 -1.69
CA THR A 57 8.26 -37.42 -0.37
C THR A 57 9.31 -37.12 0.70
N ILE A 58 9.29 -35.87 1.19
CA ILE A 58 10.27 -35.43 2.16
C ILE A 58 9.60 -35.29 3.53
N LYS A 59 10.26 -35.79 4.57
CA LYS A 59 9.80 -35.61 5.96
C LYS A 59 10.75 -34.68 6.71
N SER A 60 10.34 -33.43 6.89
CA SER A 60 11.18 -32.40 7.52
C SER A 60 10.88 -32.23 9.01
N ARG A 61 11.95 -32.16 9.81
CA ARG A 61 11.79 -31.87 11.23
C ARG A 61 12.28 -30.45 11.53
N TRP A 62 11.33 -29.55 11.80
CA TRP A 62 11.65 -28.16 12.15
C TRP A 62 11.70 -27.92 13.67
N GLU A 63 12.62 -27.04 14.08
CA GLU A 63 12.75 -26.59 15.48
C GLU A 63 11.80 -25.40 15.68
N ILE A 64 10.85 -25.54 16.60
CA ILE A 64 9.88 -24.47 16.82
C ILE A 64 10.51 -23.32 17.61
N PRO A 65 10.76 -22.18 16.95
CA PRO A 65 11.55 -21.07 17.51
C PRO A 65 11.00 -20.42 18.78
N HIS A 66 9.68 -20.48 18.96
CA HIS A 66 9.06 -19.93 20.17
C HIS A 66 9.18 -20.91 21.35
N CYS A 67 9.97 -21.96 21.15
CA CYS A 67 10.25 -22.95 22.18
C CYS A 67 11.76 -23.04 22.42
N LYS A 68 12.52 -23.12 21.32
CA LYS A 68 13.98 -23.05 21.36
C LYS A 68 14.50 -21.93 22.27
N ARG A 69 14.13 -20.70 21.93
CA ARG A 69 14.54 -19.48 22.64
C ARG A 69 14.02 -19.44 24.09
N GLU A 70 13.00 -20.26 24.38
CA GLU A 70 12.54 -20.47 25.75
C GLU A 70 13.39 -21.53 26.46
N GLY A 71 13.83 -22.53 25.71
CA GLY A 71 14.66 -23.62 26.25
C GLY A 71 14.16 -25.01 25.87
N LYS A 72 12.85 -25.14 25.72
CA LYS A 72 12.20 -26.38 25.29
C LYS A 72 12.78 -26.92 23.97
N ASN A 73 13.01 -28.23 23.91
CA ASN A 73 13.30 -28.90 22.65
C ASN A 73 12.04 -29.55 22.12
N THR A 74 11.09 -28.71 21.73
CA THR A 74 9.91 -29.18 21.01
C THR A 74 10.06 -28.94 19.51
N TYR A 75 9.77 -29.98 18.72
CA TYR A 75 9.88 -29.94 17.27
C TYR A 75 8.50 -29.94 16.63
N ALA A 76 8.47 -29.62 15.33
CA ALA A 76 7.28 -29.71 14.47
C ALA A 76 7.59 -30.52 13.20
N TYR A 77 6.70 -31.44 12.84
CA TYR A 77 6.97 -32.40 11.79
C TYR A 77 6.14 -32.17 10.52
N ILE A 78 6.81 -31.84 9.43
CA ILE A 78 6.16 -31.49 8.16
C ILE A 78 6.62 -32.40 7.00
N GLU A 79 5.75 -33.32 6.57
CA GLU A 79 5.93 -34.06 5.30
C GLU A 79 5.68 -33.10 4.14
N LEU A 80 6.53 -33.16 3.10
CA LEU A 80 6.31 -32.46 1.81
C LEU A 80 6.13 -33.46 0.66
N GLN A 81 5.14 -33.25 -0.20
CA GLN A 81 4.92 -34.11 -1.37
C GLN A 81 4.86 -33.31 -2.67
N LEU A 82 5.43 -33.85 -3.74
CA LEU A 82 5.34 -33.19 -5.03
C LEU A 82 4.48 -34.04 -5.95
N TYR A 83 3.57 -33.39 -6.68
CA TYR A 83 2.77 -34.04 -7.67
C TYR A 83 2.86 -33.32 -8.99
N GLU A 84 2.86 -34.08 -10.08
CA GLU A 84 2.59 -33.50 -11.39
C GLU A 84 1.12 -33.16 -11.47
N VAL A 85 0.84 -32.00 -12.05
CA VAL A 85 -0.52 -31.51 -12.17
C VAL A 85 -0.86 -31.63 -13.65
N MET A 86 0.09 -31.24 -14.48
CA MET A 86 0.06 -31.45 -15.92
C MET A 86 1.51 -31.31 -16.41
N PRO A 87 1.80 -31.72 -17.66
CA PRO A 87 3.20 -31.68 -18.13
C PRO A 87 3.89 -30.34 -17.84
N GLY A 88 4.90 -30.37 -16.97
CA GLY A 88 5.67 -29.19 -16.64
C GLY A 88 5.22 -28.49 -15.37
N CYS A 89 3.99 -28.75 -14.94
CA CYS A 89 3.39 -28.04 -13.80
C CYS A 89 3.22 -28.93 -12.59
N PHE A 90 3.66 -28.42 -11.43
CA PHE A 90 3.69 -29.22 -10.20
C PHE A 90 3.13 -28.50 -8.99
N MET A 91 2.68 -29.30 -8.02
CA MET A 91 2.27 -28.79 -6.72
C MET A 91 3.21 -29.31 -5.63
N LEU A 92 3.74 -28.41 -4.84
CA LEU A 92 4.39 -28.85 -3.64
C LEU A 92 3.35 -28.87 -2.53
N ASP A 93 2.75 -30.05 -2.30
CA ASP A 93 1.90 -30.25 -1.13
C ASP A 93 2.73 -30.25 0.15
N VAL A 94 2.16 -29.65 1.20
CA VAL A 94 2.79 -29.53 2.52
C VAL A 94 1.81 -29.91 3.66
N LYS A 95 1.99 -31.08 4.24
CA LYS A 95 1.12 -31.58 5.31
C LYS A 95 1.78 -31.40 6.68
N SER A 96 0.96 -31.29 7.73
CA SER A 96 1.45 -31.33 9.12
C SER A 96 1.24 -32.71 9.75
N ASN A 97 2.29 -33.23 10.39
CA ASN A 97 2.15 -34.41 11.22
C ASN A 97 2.27 -34.07 12.72
N GLY A 98 1.71 -32.94 13.11
CA GLY A 98 1.69 -32.55 14.53
C GLY A 98 3.03 -32.07 15.07
N TYR A 99 3.05 -31.71 16.34
CA TYR A 99 4.27 -31.24 17.00
C TYR A 99 4.64 -32.16 18.16
N LYS A 100 5.89 -32.09 18.63
CA LYS A 100 6.37 -32.99 19.71
C LYS A 100 7.58 -32.55 20.54
N ASP A 101 7.42 -32.55 21.86
CA ASP A 101 8.51 -32.31 22.80
C ASP A 101 9.41 -33.55 22.99
N ILE A 102 10.46 -33.41 23.79
CA ILE A 102 11.33 -34.53 24.15
C ILE A 102 10.73 -35.26 25.37
N TYR A 103 9.96 -34.53 26.17
CA TYR A 103 9.37 -35.05 27.42
C TYR A 103 7.84 -34.88 27.51
N SER A 104 7.23 -35.77 28.29
CA SER A 104 5.78 -35.98 28.28
C SER A 104 5.23 -36.40 29.66
N LYS A 118 -3.94 -31.42 16.15
CA LYS A 118 -4.49 -30.32 16.93
C LYS A 118 -4.49 -28.99 16.15
N SER A 119 -3.59 -28.05 16.52
CA SER A 119 -3.67 -26.65 16.12
C SER A 119 -2.93 -26.41 14.82
N SER A 120 -3.21 -25.29 14.18
CA SER A 120 -2.62 -24.95 12.89
C SER A 120 -1.37 -24.09 13.04
N PHE A 121 -1.10 -23.63 14.25
CA PHE A 121 0.12 -22.89 14.55
C PHE A 121 0.96 -23.76 15.49
N PRO A 122 2.30 -23.73 15.36
CA PRO A 122 3.23 -23.04 14.46
C PRO A 122 3.15 -23.50 13.01
N PHE A 123 2.38 -24.55 12.71
CA PHE A 123 2.44 -25.11 11.35
C PHE A 123 2.28 -24.07 10.25
N LEU A 124 1.26 -23.22 10.36
CA LEU A 124 1.03 -22.22 9.33
C LEU A 124 2.14 -21.20 9.33
N ASP A 125 2.68 -20.91 10.52
CA ASP A 125 3.81 -19.99 10.70
C ASP A 125 5.08 -20.51 10.06
N LEU A 126 5.18 -21.82 9.93
CA LEU A 126 6.40 -22.39 9.40
C LEU A 126 6.28 -22.60 7.90
N CYS A 127 5.08 -22.89 7.44
CA CYS A 127 4.82 -22.87 6.02
C CYS A 127 5.11 -21.47 5.49
N ALA A 128 4.81 -20.48 6.32
CA ALA A 128 5.17 -19.08 6.05
C ALA A 128 6.68 -18.93 5.87
N MET A 129 7.44 -19.56 6.77
CA MET A 129 8.90 -19.55 6.74
C MET A 129 9.39 -20.20 5.44
N LEU A 130 8.98 -21.44 5.21
CA LEU A 130 9.38 -22.21 4.03
C LEU A 130 9.05 -21.45 2.76
N VAL A 131 7.81 -21.03 2.59
CA VAL A 131 7.39 -20.31 1.39
C VAL A 131 8.24 -19.05 1.12
N CYS A 132 8.58 -18.30 2.17
CA CYS A 132 9.51 -17.19 2.02
C CYS A 132 10.85 -17.65 1.48
N LYS A 133 11.28 -18.81 1.93
CA LYS A 133 12.56 -19.36 1.50
C LYS A 133 12.55 -19.81 0.03
N LEU A 134 11.56 -20.60 -0.32
CA LEU A 134 11.33 -21.01 -1.71
C LEU A 134 11.36 -19.81 -2.69
N PHE A 135 10.68 -18.73 -2.32
CA PHE A 135 10.48 -17.57 -3.19
C PHE A 135 11.72 -16.67 -3.35
N SER A 136 12.67 -16.75 -2.41
CA SER A 136 13.84 -15.84 -2.41
C SER A 136 15.18 -16.49 -2.81
N ALA A 137 15.10 -17.71 -3.35
CA ALA A 137 16.26 -18.40 -3.89
C ALA A 137 16.85 -17.64 -5.06
N GLN B 6 16.92 -40.16 11.63
CA GLN B 6 16.77 -40.38 10.17
C GLN B 6 16.75 -39.08 9.39
N TYR B 7 16.91 -37.96 10.10
CA TYR B 7 16.85 -36.62 9.51
C TYR B 7 18.24 -36.09 9.18
N SER B 8 18.40 -35.55 7.98
CA SER B 8 19.69 -35.02 7.54
C SER B 8 19.67 -33.50 7.42
N THR B 9 20.78 -32.85 7.73
CA THR B 9 20.85 -31.41 7.56
C THR B 9 21.61 -30.96 6.31
N GLU B 10 22.42 -31.85 5.75
CA GLU B 10 23.13 -31.57 4.51
C GLU B 10 22.26 -31.81 3.27
N ILE B 11 22.36 -30.89 2.33
CA ILE B 11 21.67 -30.99 1.04
C ILE B 11 22.22 -32.17 0.23
N PRO B 12 21.32 -33.04 -0.28
CA PRO B 12 21.71 -34.28 -1.00
C PRO B 12 22.56 -34.07 -2.25
N ALA B 13 23.60 -34.91 -2.37
CA ALA B 13 24.65 -34.77 -3.39
C ALA B 13 24.20 -35.06 -4.83
N PHE B 14 23.64 -36.24 -5.05
CA PHE B 14 23.32 -36.71 -6.40
C PHE B 14 22.72 -35.66 -7.33
N LEU B 15 21.92 -34.75 -6.76
CA LEU B 15 21.28 -33.64 -7.48
C LEU B 15 22.27 -32.72 -8.18
N THR B 16 23.30 -32.31 -7.44
CA THR B 16 24.31 -31.36 -7.92
C THR B 16 24.90 -31.80 -9.28
N SER B 17 25.56 -32.95 -9.30
CA SER B 17 26.12 -33.50 -10.54
C SER B 17 25.95 -35.02 -10.60
N LEU B 20 24.03 -33.95 -13.47
CA LEU B 20 23.08 -32.87 -13.67
C LEU B 20 21.73 -33.48 -14.07
N GLN B 21 21.68 -34.01 -15.29
CA GLN B 21 20.61 -34.92 -15.70
C GLN B 21 21.20 -36.33 -15.53
N GLU B 22 21.33 -36.74 -14.26
CA GLU B 22 22.13 -37.89 -13.84
C GLU B 22 21.90 -39.36 -14.20
N LEU B 23 20.76 -39.89 -13.75
CA LEU B 23 20.26 -41.17 -14.21
C LEU B 23 18.93 -40.59 -14.71
N LYS B 24 18.22 -41.33 -15.55
CA LYS B 24 16.92 -40.88 -16.01
C LYS B 24 15.93 -41.02 -14.85
N LEU B 25 15.89 -39.97 -14.02
CA LEU B 25 15.30 -40.01 -12.69
C LEU B 25 13.81 -40.35 -12.65
N PRO B 26 13.37 -41.03 -11.55
CA PRO B 26 11.97 -41.45 -11.35
C PRO B 26 11.01 -40.30 -11.19
N LYS B 27 9.90 -40.35 -11.93
CA LYS B 27 8.87 -39.29 -11.94
C LYS B 27 8.06 -39.25 -10.64
N PRO B 28 7.70 -38.03 -10.16
CA PRO B 28 6.75 -37.92 -9.04
C PRO B 28 5.30 -38.27 -9.46
N PRO B 29 4.45 -38.63 -8.47
CA PRO B 29 3.05 -39.01 -8.70
C PRO B 29 2.18 -37.86 -9.18
N SER B 30 1.15 -38.13 -9.99
CA SER B 30 0.25 -37.08 -10.41
C SER B 30 -0.75 -36.68 -9.30
N LEU B 31 -1.14 -35.40 -9.30
CA LEU B 31 -2.14 -34.86 -8.41
C LEU B 31 -3.45 -35.67 -8.41
N PRO B 32 -3.85 -36.20 -7.23
CA PRO B 32 -5.11 -36.93 -7.10
C PRO B 32 -6.33 -36.01 -6.86
N PRO B 33 -7.53 -36.42 -7.32
CA PRO B 33 -8.72 -35.56 -7.37
C PRO B 33 -9.07 -34.88 -6.05
N HIS B 34 -8.49 -35.39 -4.98
CA HIS B 34 -8.80 -34.96 -3.62
C HIS B 34 -8.24 -33.57 -3.29
N LEU B 35 -7.12 -33.21 -3.92
CA LEU B 35 -6.42 -31.94 -3.67
C LEU B 35 -6.68 -30.91 -4.77
N GLU B 36 -7.70 -31.20 -5.57
CA GLU B 36 -8.12 -30.37 -6.69
C GLU B 36 -8.97 -29.21 -6.18
N LYS B 37 -9.82 -29.51 -5.20
CA LYS B 37 -10.83 -28.55 -4.74
C LYS B 37 -10.66 -28.22 -3.27
N CYS B 38 -10.43 -26.93 -3.01
CA CYS B 38 -10.16 -26.40 -1.68
C CYS B 38 -11.42 -25.70 -1.18
N ILE B 39 -11.93 -26.11 -0.02
CA ILE B 39 -13.26 -25.65 0.44
C ILE B 39 -13.39 -24.14 0.64
N LEU B 40 -12.27 -23.44 0.71
CA LEU B 40 -12.30 -22.00 0.84
C LEU B 40 -12.78 -21.29 -0.44
N ASN B 41 -13.06 -22.06 -1.48
CA ASN B 41 -13.67 -21.53 -2.71
C ASN B 41 -15.19 -21.69 -2.64
N SER B 42 -15.80 -21.04 -1.65
CA SER B 42 -17.19 -21.34 -1.30
C SER B 42 -17.92 -20.21 -0.56
N ASN B 43 -19.01 -19.75 -1.16
CA ASN B 43 -19.96 -18.89 -0.46
C ASN B 43 -21.25 -19.68 -0.18
N THR B 44 -21.10 -21.00 -0.03
CA THR B 44 -22.23 -21.90 0.22
C THR B 44 -22.85 -21.68 1.59
N ASP B 49 -24.68 -16.86 7.61
CA ASP B 49 -23.37 -16.78 8.22
C ASP B 49 -22.31 -17.05 7.17
N GLN B 50 -21.49 -16.05 6.87
CA GLN B 50 -20.43 -16.22 5.87
C GLN B 50 -19.10 -16.71 6.44
N SER B 51 -19.15 -17.38 7.58
CA SER B 51 -17.99 -18.13 8.08
C SER B 51 -18.23 -19.64 8.02
N VAL B 52 -19.49 -20.03 7.80
CA VAL B 52 -19.86 -21.44 7.64
C VAL B 52 -19.30 -22.00 6.35
N LEU B 53 -18.62 -23.13 6.50
CA LEU B 53 -18.03 -23.86 5.40
C LEU B 53 -18.69 -25.22 5.25
N PRO B 54 -18.59 -25.81 4.03
CA PRO B 54 -18.87 -27.23 3.82
C PRO B 54 -18.03 -28.09 4.74
N ASN B 55 -18.59 -29.22 5.19
CA ASN B 55 -17.79 -30.16 5.98
C ASN B 55 -16.46 -30.48 5.27
N PRO B 56 -15.34 -30.43 6.04
CA PRO B 56 -14.00 -30.63 5.47
C PRO B 56 -13.78 -32.10 5.19
N ASN B 57 -12.86 -32.41 4.27
CA ASN B 57 -12.59 -33.81 3.98
C ASN B 57 -11.87 -34.34 5.24
N HIS B 58 -12.14 -35.61 5.53
CA HIS B 58 -11.39 -36.48 6.46
C HIS B 58 -9.88 -36.40 6.24
N VAL B 59 -9.44 -36.48 4.98
CA VAL B 59 -8.01 -36.56 4.59
C VAL B 59 -7.24 -35.22 4.41
N LEU B 60 -7.97 -34.15 4.05
CA LEU B 60 -7.34 -32.86 3.81
C LEU B 60 -6.89 -32.14 5.07
N LEU B 61 -7.59 -32.38 6.17
CA LEU B 61 -7.17 -31.90 7.48
C LEU B 61 -5.66 -31.84 7.53
N ASN B 62 -5.11 -30.70 7.96
CA ASN B 62 -3.67 -30.55 8.14
C ASN B 62 -2.86 -30.47 6.83
N HIS B 63 -3.46 -29.89 5.79
CA HIS B 63 -2.78 -29.65 4.51
C HIS B 63 -2.86 -28.16 4.18
N LEU B 64 -1.70 -27.60 3.81
CA LEU B 64 -1.56 -26.19 3.52
C LEU B 64 -2.36 -25.77 2.27
N ALA B 65 -3.04 -24.63 2.37
CA ALA B 65 -3.68 -24.01 1.23
C ALA B 65 -3.18 -22.59 1.14
N ALA B 66 -3.08 -22.10 -0.10
CA ALA B 66 -2.53 -20.79 -0.42
C ALA B 66 -3.40 -20.06 -1.47
N ALA B 67 -3.36 -18.73 -1.42
CA ALA B 67 -3.99 -17.90 -2.45
C ALA B 67 -3.26 -16.58 -2.62
N ASN B 68 -3.25 -16.08 -3.86
CA ASN B 68 -2.65 -14.79 -4.19
C ASN B 68 -3.51 -13.65 -3.67
N THR B 69 -2.90 -12.57 -3.18
CA THR B 69 -3.69 -11.47 -2.62
C THR B 69 -3.80 -10.21 -3.45
N GLN B 70 -2.86 -10.02 -4.37
CA GLN B 70 -2.77 -8.75 -5.13
C GLN B 70 -2.39 -7.63 -4.17
N LEU B 71 -1.86 -7.99 -2.99
CA LEU B 71 -1.63 -7.03 -1.92
C LEU B 71 -0.25 -7.05 -1.28
N GLY B 72 0.58 -7.99 -1.70
CA GLY B 72 1.94 -8.05 -1.17
C GLY B 72 2.04 -8.84 0.12
N VAL B 73 1.05 -9.68 0.37
CA VAL B 73 1.06 -10.55 1.55
C VAL B 73 0.82 -12.01 1.17
N LEU B 74 1.21 -12.91 2.06
CA LEU B 74 0.96 -14.32 1.84
C LEU B 74 -0.35 -14.67 2.54
N ALA B 75 -1.17 -15.44 1.83
CA ALA B 75 -2.38 -15.97 2.42
C ALA B 75 -2.23 -17.48 2.60
N LEU B 76 -2.25 -17.93 3.85
CA LEU B 76 -2.06 -19.35 4.17
C LEU B 76 -3.21 -19.93 5.00
N SER B 77 -3.64 -21.16 4.70
CA SER B 77 -4.64 -21.80 5.56
C SER B 77 -4.45 -23.29 5.74
N ALA B 78 -4.99 -23.80 6.84
CA ALA B 78 -5.16 -25.24 7.05
C ALA B 78 -6.54 -25.39 7.67
N THR B 79 -7.21 -26.53 7.45
CA THR B 79 -8.39 -26.87 8.24
C THR B 79 -7.87 -27.76 9.33
N THR B 80 -8.50 -27.72 10.51
CA THR B 80 -8.08 -28.58 11.61
C THR B 80 -9.23 -28.82 12.59
N ARG B 81 -9.25 -30.03 13.16
CA ARG B 81 -10.31 -30.42 14.09
C ARG B 81 -10.16 -29.70 15.43
N TYR B 82 -11.25 -29.52 16.14
CA TYR B 82 -11.19 -29.01 17.49
C TYR B 82 -12.32 -29.66 18.23
N HIS B 83 -11.97 -30.61 19.09
CA HIS B 83 -12.95 -31.58 19.63
C HIS B 83 -13.70 -31.95 18.34
N ARG B 84 -15.02 -32.04 18.39
CA ARG B 84 -15.78 -32.47 17.23
C ARG B 84 -16.24 -31.51 16.13
N LYS B 85 -15.77 -30.29 16.18
CA LYS B 85 -16.07 -29.31 15.14
C LYS B 85 -14.81 -28.93 14.37
N TYR B 86 -14.93 -28.34 13.23
CA TYR B 86 -13.78 -28.12 12.39
C TYR B 86 -13.44 -26.64 12.23
N VAL B 87 -12.15 -26.31 12.37
CA VAL B 87 -11.66 -24.94 12.26
C VAL B 87 -10.68 -24.75 11.10
N THR B 88 -11.17 -24.19 10.00
CA THR B 88 -10.29 -23.76 8.90
C THR B 88 -9.85 -22.35 9.22
N THR B 89 -8.55 -22.11 9.20
CA THR B 89 -8.06 -20.83 9.65
C THR B 89 -7.20 -20.16 8.57
N ALA B 90 -7.63 -19.00 8.08
CA ALA B 90 -6.89 -18.28 7.03
C ALA B 90 -5.92 -17.20 7.56
N MET B 91 -4.67 -17.28 7.10
CA MET B 91 -3.61 -16.42 7.58
C MET B 91 -3.18 -15.39 6.55
N PHE B 92 -3.21 -14.13 6.96
CA PHE B 92 -2.67 -13.08 6.13
C PHE B 92 -1.39 -12.56 6.78
N LYS B 93 -0.29 -12.67 6.04
CA LYS B 93 1.02 -12.42 6.64
C LYS B 93 2.05 -11.97 5.62
N ASN B 94 2.93 -11.08 6.10
CA ASN B 94 3.97 -10.44 5.31
C ASN B 94 5.08 -11.40 4.90
N PHE B 95 5.95 -10.94 4.00
CA PHE B 95 7.09 -11.73 3.56
C PHE B 95 8.33 -11.45 4.40
N ASP B 96 8.63 -10.16 4.57
CA ASP B 96 9.99 -9.68 4.83
C ASP B 96 11.09 -10.50 4.07
N MET C 2 -47.87 -16.92 36.27
CA MET C 2 -49.27 -16.92 35.86
C MET C 2 -49.52 -15.93 34.73
N ASP C 3 -49.14 -14.68 34.96
CA ASP C 3 -49.50 -13.59 34.04
C ASP C 3 -48.33 -13.23 33.13
N VAL C 4 -48.51 -12.17 32.35
CA VAL C 4 -47.47 -11.73 31.41
C VAL C 4 -46.14 -11.38 32.08
N GLN C 5 -46.21 -10.59 33.16
CA GLN C 5 -45.03 -10.16 33.92
C GLN C 5 -44.39 -11.31 34.72
N GLU C 6 -45.09 -12.45 34.80
CA GLU C 6 -44.59 -13.61 35.54
C GLU C 6 -44.31 -14.82 34.63
N THR C 7 -44.90 -14.82 33.45
CA THR C 7 -44.52 -15.81 32.45
C THR C 7 -43.14 -15.43 31.88
N GLN C 8 -42.93 -14.13 31.72
CA GLN C 8 -41.66 -13.58 31.26
C GLN C 8 -40.55 -13.73 32.29
N LYS C 9 -40.89 -13.51 33.57
CA LYS C 9 -39.94 -13.61 34.66
C LYS C 9 -39.36 -15.03 34.74
N GLY C 10 -40.23 -16.02 34.59
CA GLY C 10 -39.85 -17.44 34.51
C GLY C 10 -39.11 -17.86 33.24
N ALA C 11 -39.50 -17.34 32.09
CA ALA C 11 -38.81 -17.68 30.84
C ALA C 11 -37.39 -17.12 30.83
N LEU C 12 -37.26 -15.87 31.27
CA LEU C 12 -35.98 -15.27 31.63
C LEU C 12 -35.14 -16.23 32.48
N LYS C 13 -35.72 -16.74 33.57
CA LYS C 13 -35.08 -17.74 34.45
C LYS C 13 -34.57 -18.98 33.73
N GLU C 14 -35.24 -19.38 32.65
CA GLU C 14 -34.82 -20.53 31.84
C GLU C 14 -33.64 -20.23 30.89
N ILE C 15 -33.71 -19.11 30.17
CA ILE C 15 -32.72 -18.79 29.12
C ILE C 15 -31.33 -18.48 29.67
N GLN C 16 -31.29 -18.06 30.94
CA GLN C 16 -30.04 -17.85 31.63
C GLN C 16 -29.51 -19.22 31.98
N ALA C 17 -30.32 -20.01 32.67
CA ALA C 17 -29.94 -21.37 33.02
C ALA C 17 -29.45 -22.10 31.78
N PHE C 18 -30.12 -21.86 30.65
CA PHE C 18 -29.70 -22.46 29.40
C PHE C 18 -28.23 -22.11 29.08
N ILE C 19 -27.89 -20.84 29.17
CA ILE C 19 -26.57 -20.41 28.73
C ILE C 19 -25.41 -20.71 29.71
N ARG C 20 -25.73 -20.95 30.98
CA ARG C 20 -24.73 -21.49 31.88
C ARG C 20 -24.40 -22.91 31.46
N SER C 21 -25.36 -23.56 30.82
CA SER C 21 -25.26 -24.98 30.55
C SER C 21 -24.56 -25.28 29.22
N ARG C 22 -24.40 -24.25 28.40
CA ARG C 22 -23.71 -24.39 27.12
C ARG C 22 -22.37 -23.68 27.18
N THR C 23 -21.46 -24.14 26.34
CA THR C 23 -20.13 -23.56 26.23
C THR C 23 -20.17 -22.51 25.15
N SER C 24 -19.16 -21.64 25.11
CA SER C 24 -18.92 -20.76 23.96
C SER C 24 -18.81 -21.62 22.71
N TYR C 25 -18.14 -22.76 22.87
CA TYR C 25 -17.91 -23.73 21.80
C TYR C 25 -19.17 -24.22 21.13
N ASP C 26 -20.22 -24.51 21.91
CA ASP C 26 -21.47 -25.03 21.33
C ASP C 26 -22.16 -24.06 20.38
N VAL C 27 -21.61 -22.84 20.29
CA VAL C 27 -22.22 -21.74 19.55
C VAL C 27 -21.66 -21.70 18.15
N LEU C 28 -20.40 -22.11 18.01
CA LEU C 28 -19.67 -21.98 16.75
C LEU C 28 -20.33 -22.93 15.77
N PRO C 29 -20.39 -22.56 14.48
CA PRO C 29 -20.79 -23.54 13.49
C PRO C 29 -20.02 -24.85 13.63
N THR C 30 -20.58 -25.93 13.11
CA THR C 30 -19.96 -27.22 13.18
C THR C 30 -18.67 -27.16 12.36
N SER C 31 -18.68 -26.45 11.24
CA SER C 31 -17.44 -26.24 10.48
C SER C 31 -17.36 -24.84 9.85
N PHE C 32 -16.31 -24.08 10.18
CA PHE C 32 -16.25 -22.64 9.86
C PHE C 32 -14.82 -22.11 9.58
N ARG C 33 -14.72 -20.90 9.02
CA ARG C 33 -13.42 -20.29 8.76
C ARG C 33 -13.04 -19.27 9.85
N LEU C 34 -11.75 -18.94 9.91
CA LEU C 34 -11.27 -17.92 10.83
C LEU C 34 -10.13 -17.13 10.15
N ILE C 35 -10.39 -15.87 9.84
CA ILE C 35 -9.37 -15.02 9.24
C ILE C 35 -8.53 -14.51 10.39
N VAL C 36 -7.22 -14.50 10.21
CA VAL C 36 -6.32 -13.96 11.21
C VAL C 36 -5.35 -12.97 10.55
N PHE C 37 -5.12 -11.85 11.20
CA PHE C 37 -4.10 -10.92 10.72
C PHE C 37 -2.83 -11.04 11.58
N ASP C 38 -1.68 -11.08 10.91
CA ASP C 38 -0.42 -10.96 11.59
C ASP C 38 -0.28 -9.53 12.11
N VAL C 39 0.02 -9.37 13.40
CA VAL C 39 0.26 -8.00 13.93
C VAL C 39 1.29 -7.15 13.20
N THR C 40 2.15 -7.72 12.35
CA THR C 40 3.10 -6.88 11.63
C THR C 40 2.54 -6.27 10.34
N LEU C 41 1.30 -6.61 9.99
CA LEU C 41 0.62 -6.04 8.81
C LEU C 41 0.45 -4.51 8.87
N PHE C 42 0.75 -3.83 7.77
CA PHE C 42 0.47 -2.39 7.65
C PHE C 42 -1.02 -2.19 7.69
N VAL C 43 -1.43 -1.00 8.12
CA VAL C 43 -2.85 -0.69 8.27
C VAL C 43 -3.61 -0.80 6.94
N LYS C 44 -3.16 -0.08 5.93
CA LYS C 44 -3.81 -0.11 4.62
C LYS C 44 -4.15 -1.53 4.21
N THR C 45 -3.15 -2.41 4.30
CA THR C 45 -3.30 -3.80 3.93
C THR C 45 -4.45 -4.43 4.70
N SER C 46 -4.45 -4.28 6.02
CA SER C 46 -5.48 -4.89 6.86
C SER C 46 -6.86 -4.44 6.42
N LEU C 47 -7.01 -3.14 6.19
CA LEU C 47 -8.28 -2.52 5.74
C LEU C 47 -8.74 -2.98 4.36
N SER C 48 -7.78 -3.26 3.48
CA SER C 48 -8.10 -3.84 2.17
C SER C 48 -8.58 -5.26 2.37
N LEU C 49 -7.89 -5.97 3.27
CA LEU C 49 -8.23 -7.34 3.64
C LEU C 49 -9.59 -7.49 4.35
N LEU C 50 -10.06 -6.46 5.05
CA LEU C 50 -11.39 -6.56 5.68
C LEU C 50 -12.47 -6.38 4.61
N THR C 51 -12.32 -5.34 3.79
CA THR C 51 -13.22 -5.07 2.67
C THR C 51 -13.38 -6.27 1.74
N LEU C 52 -12.23 -6.86 1.39
CA LEU C 52 -12.20 -7.91 0.39
C LEU C 52 -12.79 -9.22 0.91
N ASN C 53 -12.74 -9.41 2.22
CA ASN C 53 -13.23 -10.64 2.84
C ASN C 53 -14.63 -10.48 3.43
N ASN C 54 -15.12 -9.24 3.37
CA ASN C 54 -16.49 -8.89 3.80
C ASN C 54 -16.65 -8.80 5.32
N ILE C 55 -15.53 -8.88 6.02
CA ILE C 55 -15.50 -8.98 7.47
C ILE C 55 -15.29 -7.62 8.15
N VAL C 56 -15.80 -7.45 9.38
CA VAL C 56 -15.58 -6.19 10.09
C VAL C 56 -14.47 -6.28 11.12
N SER C 57 -13.89 -7.47 11.24
CA SER C 57 -12.94 -7.77 12.32
C SER C 57 -11.98 -8.90 12.00
N ALA C 58 -10.84 -8.90 12.68
CA ALA C 58 -9.92 -10.02 12.60
C ALA C 58 -9.09 -10.15 13.88
N PRO C 59 -8.98 -11.38 14.44
CA PRO C 59 -8.06 -11.61 15.57
C PRO C 59 -6.59 -11.56 15.16
N LEU C 60 -5.74 -11.08 16.06
CA LEU C 60 -4.36 -10.85 15.74
C LEU C 60 -3.41 -11.92 16.29
N TRP C 61 -2.49 -12.30 15.43
CA TRP C 61 -1.51 -13.29 15.70
C TRP C 61 -0.16 -12.62 15.80
N ASP C 62 0.48 -12.83 16.94
CA ASP C 62 1.90 -12.56 17.05
C ASP C 62 2.61 -13.88 16.75
N SER C 63 3.05 -14.04 15.50
CA SER C 63 3.67 -15.29 15.05
C SER C 63 4.97 -15.55 15.81
N GLU C 64 5.59 -14.48 16.27
CA GLU C 64 6.87 -14.48 17.01
C GLU C 64 6.86 -15.34 18.25
N ALA C 65 5.93 -15.10 19.16
CA ALA C 65 5.79 -15.92 20.38
C ALA C 65 4.59 -16.85 20.29
N ASN C 66 3.97 -16.87 19.11
CA ASN C 66 2.71 -17.60 18.86
C ASN C 66 1.66 -17.30 19.91
N LYS C 67 1.38 -16.00 20.04
CA LYS C 67 0.35 -15.48 20.93
C LYS C 67 -0.64 -14.62 20.16
N PHE C 68 -1.73 -14.30 20.84
CA PHE C 68 -2.83 -13.51 20.33
C PHE C 68 -2.53 -12.06 20.72
N ALA C 69 -2.33 -11.21 19.72
CA ALA C 69 -1.94 -9.81 19.94
C ALA C 69 -3.14 -8.85 19.90
N GLY C 70 -4.27 -9.30 20.43
CA GLY C 70 -5.45 -8.46 20.53
C GLY C 70 -6.41 -8.68 19.38
N LEU C 71 -7.36 -7.78 19.23
CA LEU C 71 -8.41 -7.95 18.24
C LEU C 71 -8.57 -6.71 17.38
N LEU C 72 -8.60 -6.86 16.06
CA LEU C 72 -8.80 -5.68 15.23
C LEU C 72 -10.28 -5.41 14.88
N THR C 73 -10.96 -4.69 15.76
CA THR C 73 -12.31 -4.22 15.45
C THR C 73 -12.28 -2.86 14.76
N MET C 74 -13.46 -2.35 14.43
CA MET C 74 -13.54 -1.05 13.81
C MET C 74 -13.37 0.08 14.85
N ALA C 75 -13.42 -0.31 16.12
CA ALA C 75 -13.27 0.59 17.27
C ALA C 75 -11.87 1.18 17.35
N ASP C 76 -10.92 0.51 16.70
CA ASP C 76 -9.53 0.94 16.75
C ASP C 76 -9.42 2.21 15.96
N PHE C 77 -9.89 2.14 14.72
CA PHE C 77 -9.89 3.30 13.84
C PHE C 77 -10.76 4.46 14.35
N VAL C 78 -11.87 4.11 14.97
CA VAL C 78 -12.76 5.09 15.62
C VAL C 78 -12.05 5.87 16.75
N ASN C 79 -11.14 5.19 17.43
CA ASN C 79 -10.47 5.73 18.60
C ASN C 79 -9.24 6.56 18.27
N VAL C 80 -8.46 6.11 17.30
CA VAL C 80 -7.35 6.90 16.83
C VAL C 80 -7.80 8.23 16.17
N ILE C 81 -8.75 8.20 15.24
CA ILE C 81 -9.12 9.46 14.55
C ILE C 81 -9.66 10.52 15.52
N LYS C 82 -10.50 10.08 16.46
CA LYS C 82 -11.14 10.96 17.43
C LYS C 82 -10.10 11.59 18.33
N TYR C 83 -9.08 10.82 18.66
CA TYR C 83 -7.94 11.32 19.42
C TYR C 83 -7.19 12.35 18.58
N TYR C 84 -6.72 11.94 17.41
CA TYR C 84 -6.10 12.85 16.46
C TYR C 84 -6.87 14.15 16.25
N TYR C 85 -8.21 14.07 16.23
CA TYR C 85 -9.04 15.27 16.08
C TYR C 85 -9.07 16.20 17.30
N GLN C 86 -8.99 15.63 18.50
CA GLN C 86 -9.09 16.38 19.76
C GLN C 86 -7.71 16.79 20.31
N SER C 87 -6.67 16.19 19.74
CA SER C 87 -5.32 16.44 20.19
C SER C 87 -4.50 17.25 19.19
N SER C 88 -4.63 16.96 17.90
CA SER C 88 -3.79 17.60 16.89
C SER C 88 -4.32 18.97 16.47
N SER C 89 -3.40 19.92 16.34
CA SER C 89 -3.72 21.17 15.68
C SER C 89 -3.60 20.99 14.16
N PHE C 90 -3.20 19.79 13.73
CA PHE C 90 -2.96 19.57 12.31
C PHE C 90 -3.92 18.56 11.67
N PRO C 91 -4.90 19.08 10.89
CA PRO C 91 -6.01 18.31 10.28
C PRO C 91 -5.56 17.13 9.41
N GLU C 92 -4.36 17.23 8.86
CA GLU C 92 -3.83 16.22 7.96
C GLU C 92 -2.91 15.24 8.67
N ALA C 93 -2.63 15.50 9.96
CA ALA C 93 -1.79 14.61 10.80
C ALA C 93 -2.28 13.16 10.77
N ILE C 94 -3.60 13.04 10.81
CA ILE C 94 -4.32 11.75 10.72
C ILE C 94 -3.89 10.77 9.60
N ALA C 95 -3.51 11.28 8.42
CA ALA C 95 -3.16 10.41 7.29
C ALA C 95 -1.93 9.55 7.60
N GLU C 96 -1.15 10.00 8.59
CA GLU C 96 0.00 9.30 9.16
C GLU C 96 -0.18 7.90 9.80
N ILE C 97 -1.43 7.44 9.90
CA ILE C 97 -1.69 6.15 10.56
C ILE C 97 -1.77 5.13 9.40
N ASP C 98 -1.18 5.48 8.27
CA ASP C 98 -1.09 4.57 7.13
C ASP C 98 0.30 3.95 7.00
N LYS C 99 1.28 4.63 7.58
CA LYS C 99 2.61 4.07 7.79
C LYS C 99 2.55 2.90 8.79
N PHE C 100 1.76 3.06 9.85
CA PHE C 100 1.71 2.18 10.99
C PHE C 100 1.40 0.74 10.66
N ARG C 101 2.08 -0.18 11.34
CA ARG C 101 1.68 -1.58 11.41
C ARG C 101 0.67 -1.70 12.54
N LEU C 102 -0.14 -2.77 12.53
CA LEU C 102 -1.17 -3.01 13.55
C LEU C 102 -0.60 -2.85 14.95
N LEU C 103 0.54 -3.50 15.18
CA LEU C 103 1.36 -3.36 16.38
C LEU C 103 1.55 -1.91 16.80
N GLY C 104 1.96 -1.09 15.85
CA GLY C 104 2.18 0.33 16.10
C GLY C 104 0.92 1.16 16.22
N LEU C 105 -0.22 0.64 15.78
CA LEU C 105 -1.48 1.37 15.97
C LEU C 105 -1.98 1.06 17.36
N ARG C 106 -1.87 -0.20 17.75
CA ARG C 106 -2.10 -0.66 19.11
C ARG C 106 -1.13 -0.03 20.12
N GLU C 107 0.07 0.36 19.69
CA GLU C 107 0.94 1.10 20.61
C GLU C 107 0.39 2.52 20.87
N VAL C 108 -0.03 3.21 19.81
CA VAL C 108 -0.73 4.47 20.00
C VAL C 108 -1.96 4.25 20.89
N GLU C 109 -2.72 3.19 20.64
CA GLU C 109 -3.92 2.95 21.43
C GLU C 109 -3.65 2.63 22.91
N ARG C 110 -2.55 1.95 23.21
CA ARG C 110 -2.18 1.69 24.61
C ARG C 110 -1.91 3.01 25.31
N LYS C 111 -1.06 3.84 24.70
CA LYS C 111 -0.73 5.15 25.23
C LYS C 111 -1.97 6.00 25.55
N ILE C 112 -2.92 6.05 24.62
CA ILE C 112 -4.10 6.90 24.81
C ILE C 112 -5.02 6.43 25.96
N GLY C 113 -4.95 5.15 26.31
CA GLY C 113 -5.79 4.57 27.34
C GLY C 113 -7.02 3.93 26.75
N ALA C 114 -7.02 3.79 25.42
CA ALA C 114 -8.13 3.18 24.69
C ALA C 114 -8.11 1.66 24.81
N ILE C 115 -6.92 1.08 24.68
CA ILE C 115 -6.75 -0.36 24.75
C ILE C 115 -6.34 -0.75 26.16
N PRO C 116 -7.15 -1.62 26.81
CA PRO C 116 -6.75 -2.04 28.15
C PRO C 116 -5.49 -2.89 28.04
N PRO C 117 -4.63 -2.84 29.07
CA PRO C 117 -3.47 -3.72 29.14
C PRO C 117 -3.87 -5.19 29.15
N GLU C 118 -4.83 -5.55 30.00
CA GLU C 118 -5.42 -6.88 29.98
C GLU C 118 -6.02 -7.19 28.62
N THR C 119 -5.47 -8.19 27.94
CA THR C 119 -6.01 -8.65 26.67
C THR C 119 -7.11 -9.69 26.89
N ILE C 120 -8.32 -9.37 26.45
CA ILE C 120 -9.54 -10.08 26.89
C ILE C 120 -9.87 -11.35 26.10
N TYR C 121 -10.16 -12.44 26.81
CA TYR C 121 -10.27 -13.78 26.22
C TYR C 121 -11.04 -14.75 27.13
N VAL C 122 -11.79 -15.66 26.53
CA VAL C 122 -12.31 -16.81 27.29
C VAL C 122 -11.93 -18.15 26.65
N HIS C 123 -11.77 -19.17 27.49
CA HIS C 123 -11.51 -20.50 27.00
C HIS C 123 -12.81 -21.05 26.39
N PRO C 124 -12.72 -21.63 25.18
CA PRO C 124 -13.90 -22.10 24.45
C PRO C 124 -14.78 -23.14 25.14
N MET C 125 -14.20 -23.98 26.00
CA MET C 125 -14.93 -25.09 26.63
C MET C 125 -15.57 -24.74 27.98
N HIS C 126 -15.23 -23.57 28.49
CA HIS C 126 -15.91 -22.96 29.63
C HIS C 126 -17.30 -22.48 29.20
N SER C 127 -18.12 -22.16 30.18
CA SER C 127 -19.52 -21.84 29.95
C SER C 127 -19.67 -20.74 28.93
N LEU C 128 -20.82 -20.69 28.27
CA LEU C 128 -21.18 -19.59 27.38
C LEU C 128 -21.36 -18.33 28.21
N MET C 129 -21.69 -18.54 29.48
CA MET C 129 -21.86 -17.44 30.41
C MET C 129 -20.59 -16.55 30.44
N ASP C 130 -19.43 -17.20 30.56
CA ASP C 130 -18.15 -16.51 30.65
C ASP C 130 -17.86 -15.57 29.50
N ALA C 131 -18.46 -15.84 28.35
CA ALA C 131 -18.37 -14.96 27.21
C ALA C 131 -19.32 -13.77 27.34
N CYS C 132 -20.43 -13.97 28.05
CA CYS C 132 -21.46 -12.96 28.17
C CYS C 132 -21.09 -11.93 29.20
N LEU C 133 -20.50 -12.39 30.31
CA LEU C 133 -20.16 -11.55 31.45
C LEU C 133 -18.99 -10.61 31.18
N ALA C 134 -18.04 -11.05 30.36
CA ALA C 134 -16.88 -10.23 30.02
C ALA C 134 -17.35 -9.10 29.12
N MET C 135 -17.70 -9.46 27.88
CA MET C 135 -18.29 -8.57 26.91
C MET C 135 -19.27 -7.58 27.55
N SER C 136 -19.84 -7.95 28.71
CA SER C 136 -20.80 -7.13 29.42
C SER C 136 -20.15 -6.25 30.49
N LYS C 137 -19.25 -6.85 31.27
CA LYS C 137 -18.44 -6.10 32.24
C LYS C 137 -17.64 -4.99 31.52
N SER C 138 -17.03 -5.32 30.37
CA SER C 138 -16.57 -4.32 29.40
C SER C 138 -17.74 -4.10 28.49
N ARG C 139 -17.69 -3.10 27.63
CA ARG C 139 -18.82 -2.91 26.71
C ARG C 139 -18.41 -3.36 25.31
N ALA C 140 -17.55 -4.39 25.28
CA ALA C 140 -17.11 -5.02 24.04
C ALA C 140 -18.32 -5.63 23.36
N ARG C 141 -18.31 -5.72 22.04
CA ARG C 141 -19.44 -6.36 21.40
C ARG C 141 -19.04 -7.67 20.72
N ARG C 142 -17.75 -8.03 20.83
CA ARG C 142 -17.24 -9.38 20.45
C ARG C 142 -16.08 -9.92 21.34
N ILE C 143 -15.96 -11.24 21.47
CA ILE C 143 -14.90 -11.81 22.34
C ILE C 143 -14.16 -13.04 21.77
N PRO C 144 -12.83 -13.01 21.82
CA PRO C 144 -12.09 -14.16 21.34
C PRO C 144 -12.21 -15.43 22.21
N LEU C 145 -12.30 -16.57 21.53
CA LEU C 145 -12.17 -17.86 22.18
C LEU C 145 -10.76 -18.41 21.95
N ILE C 146 -9.95 -18.36 23.00
CA ILE C 146 -8.59 -18.84 22.90
C ILE C 146 -8.33 -19.99 23.88
N ASP C 147 -7.91 -21.13 23.32
CA ASP C 147 -7.38 -22.26 24.08
C ASP C 147 -5.87 -22.24 23.95
N VAL C 148 -5.18 -23.09 24.71
CA VAL C 148 -3.73 -23.19 24.63
C VAL C 148 -3.27 -24.62 24.36
N ASP C 149 -2.55 -24.79 23.25
CA ASP C 149 -1.93 -26.08 22.83
C ASP C 149 -0.88 -26.58 23.83
N GLY C 150 -1.13 -27.76 24.36
CA GLY C 150 -0.38 -28.31 25.47
C GLY C 150 1.04 -28.64 25.11
N GLU C 151 1.22 -29.41 24.03
CA GLU C 151 2.54 -29.91 23.61
C GLU C 151 3.48 -28.81 23.08
N THR C 152 3.00 -27.57 23.03
CA THR C 152 3.81 -26.45 22.50
C THR C 152 3.77 -25.15 23.33
N GLY C 153 2.73 -25.00 24.14
CA GLY C 153 2.51 -23.75 24.85
C GLY C 153 2.00 -22.66 23.93
N SER C 154 1.63 -23.05 22.71
CA SER C 154 1.06 -22.15 21.72
C SER C 154 -0.41 -21.89 22.02
N GLU C 155 -0.84 -20.67 21.71
CA GLU C 155 -2.24 -20.30 21.88
C GLU C 155 -3.05 -20.61 20.65
N MET C 156 -3.90 -21.61 20.75
CA MET C 156 -4.84 -21.93 19.69
C MET C 156 -6.01 -20.96 19.76
N ILE C 157 -6.11 -20.13 18.73
CA ILE C 157 -7.23 -19.19 18.59
C ILE C 157 -8.36 -19.83 17.81
N VAL C 158 -9.44 -20.20 18.53
CA VAL C 158 -10.53 -21.05 18.00
C VAL C 158 -11.57 -20.32 17.14
N SER C 159 -12.02 -19.17 17.61
CA SER C 159 -13.05 -18.40 16.93
C SER C 159 -13.17 -17.01 17.57
N VAL C 160 -14.04 -16.18 16.99
CA VAL C 160 -14.53 -14.97 17.65
C VAL C 160 -16.06 -15.11 17.89
N LEU C 161 -16.52 -14.70 19.06
CA LEU C 161 -17.93 -14.83 19.43
C LEU C 161 -18.50 -13.44 19.61
N THR C 162 -19.58 -13.17 18.90
CA THR C 162 -20.11 -11.81 18.78
C THR C 162 -21.54 -11.75 19.32
N GLN C 163 -21.87 -10.70 20.05
CA GLN C 163 -23.19 -10.60 20.71
C GLN C 163 -24.34 -11.17 19.89
N TYR C 164 -24.48 -10.71 18.65
CA TYR C 164 -25.48 -11.19 17.72
C TYR C 164 -25.51 -12.70 17.55
N ARG C 165 -24.35 -13.33 17.45
CA ARG C 165 -24.32 -14.77 17.26
C ARG C 165 -24.72 -15.56 18.50
N ILE C 166 -24.46 -15.05 19.69
CA ILE C 166 -25.01 -15.75 20.82
C ILE C 166 -26.49 -15.42 20.99
N LEU C 167 -26.91 -14.23 20.54
CA LEU C 167 -28.32 -13.84 20.62
C LEU C 167 -29.15 -14.54 19.55
N LYS C 168 -28.53 -14.80 18.42
CA LYS C 168 -29.15 -15.61 17.38
C LYS C 168 -29.23 -17.05 17.85
N PHE C 169 -28.26 -17.46 18.67
CA PHE C 169 -28.11 -18.83 19.12
C PHE C 169 -29.19 -19.21 20.11
N ILE C 170 -29.40 -18.32 21.07
CA ILE C 170 -30.34 -18.59 22.13
C ILE C 170 -31.73 -18.37 21.60
N SER C 171 -31.87 -17.50 20.59
CA SER C 171 -33.14 -17.34 19.91
C SER C 171 -33.60 -18.65 19.32
N MET C 172 -32.69 -19.30 18.59
CA MET C 172 -32.98 -20.55 17.91
C MET C 172 -33.16 -21.73 18.85
N ASN C 173 -32.27 -21.88 19.82
CA ASN C 173 -32.26 -23.08 20.67
C ASN C 173 -33.11 -22.99 21.95
N CYS C 174 -33.96 -21.96 22.06
CA CYS C 174 -34.84 -21.77 23.23
C CYS C 174 -36.29 -21.52 22.85
N LYS C 175 -37.21 -22.36 23.35
CA LYS C 175 -38.65 -22.16 23.17
C LYS C 175 -39.14 -20.96 23.99
N GLU C 176 -38.41 -20.65 25.06
CA GLU C 176 -38.85 -19.65 26.04
C GLU C 176 -38.79 -18.22 25.53
N THR C 177 -38.03 -17.99 24.45
CA THR C 177 -38.01 -16.69 23.80
C THR C 177 -39.45 -16.28 23.45
N ALA C 178 -40.28 -17.29 23.20
CA ALA C 178 -41.68 -17.10 22.81
C ALA C 178 -42.57 -16.68 23.98
N MET C 179 -42.13 -16.99 25.20
CA MET C 179 -42.88 -16.70 26.41
C MET C 179 -42.57 -15.32 26.98
N LEU C 180 -41.73 -14.56 26.27
CA LEU C 180 -41.37 -13.18 26.65
C LEU C 180 -42.31 -12.14 26.02
N ARG C 181 -43.47 -11.94 26.63
CA ARG C 181 -44.49 -11.13 25.98
C ARG C 181 -44.70 -9.79 26.66
N VAL C 182 -43.87 -9.48 27.67
CA VAL C 182 -43.90 -8.18 28.35
C VAL C 182 -43.37 -7.11 27.41
N PRO C 183 -44.24 -6.14 27.06
CA PRO C 183 -43.86 -4.97 26.29
C PRO C 183 -42.65 -4.21 26.84
N LEU C 184 -41.97 -3.51 25.96
CA LEU C 184 -40.79 -2.70 26.29
C LEU C 184 -41.08 -1.54 27.27
N ASN C 185 -42.20 -0.85 27.07
CA ASN C 185 -42.60 0.26 27.95
C ASN C 185 -42.83 -0.12 29.42
N GLN C 186 -42.81 -1.43 29.71
CA GLN C 186 -42.96 -1.93 31.09
C GLN C 186 -41.62 -2.41 31.68
N MET C 187 -40.57 -2.34 30.89
CA MET C 187 -39.28 -2.83 31.30
C MET C 187 -38.29 -1.69 31.54
N THR C 188 -37.31 -1.94 32.39
CA THR C 188 -36.16 -1.05 32.53
C THR C 188 -35.05 -1.57 31.63
N ILE C 189 -34.97 -1.00 30.43
CA ILE C 189 -34.16 -1.55 29.35
C ILE C 189 -33.87 -0.46 28.33
N GLY C 190 -32.70 -0.50 27.71
CA GLY C 190 -32.30 0.48 26.72
C GLY C 190 -32.24 1.92 27.20
N THR C 191 -31.89 2.81 26.28
CA THR C 191 -31.78 4.23 26.58
C THR C 191 -32.94 4.95 25.93
N TRP C 192 -33.53 5.87 26.69
CA TRP C 192 -34.79 6.54 26.34
C TRP C 192 -34.67 8.05 26.46
N SER C 193 -33.80 8.50 27.37
CA SER C 193 -33.47 9.90 27.48
C SER C 193 -32.00 10.10 27.13
N ASN C 194 -31.73 11.18 26.44
CA ASN C 194 -30.38 11.61 26.10
C ASN C 194 -29.64 10.76 25.11
N LEU C 195 -30.28 10.52 23.98
CA LEU C 195 -29.65 9.75 22.93
C LEU C 195 -28.73 10.66 22.13
N ALA C 196 -27.58 10.14 21.71
CA ALA C 196 -26.68 10.87 20.83
C ALA C 196 -27.26 10.78 19.43
N THR C 197 -27.43 11.93 18.78
CA THR C 197 -28.03 11.96 17.41
C THR C 197 -27.23 12.76 16.38
N ALA C 198 -27.69 12.72 15.14
CA ALA C 198 -27.08 13.47 14.08
C ALA C 198 -28.06 13.73 12.94
N SER C 199 -27.83 14.81 12.20
CA SER C 199 -28.55 15.09 10.97
C SER C 199 -27.57 14.89 9.84
N MET C 200 -28.09 14.91 8.61
CA MET C 200 -27.30 14.66 7.42
C MET C 200 -26.25 15.74 7.29
N GLU C 201 -26.55 16.91 7.81
CA GLU C 201 -25.68 18.04 7.66
C GLU C 201 -24.48 17.92 8.63
N THR C 202 -24.64 17.12 9.69
CA THR C 202 -23.56 16.79 10.65
C THR C 202 -22.25 16.34 9.98
N LYS C 203 -21.11 16.72 10.54
CA LYS C 203 -19.84 16.26 9.99
C LYS C 203 -19.50 14.88 10.52
N VAL C 204 -18.83 14.06 9.71
CA VAL C 204 -18.55 12.66 10.06
C VAL C 204 -17.63 12.55 11.27
N TYR C 205 -16.58 13.38 11.32
CA TYR C 205 -15.68 13.36 12.45
C TYR C 205 -16.43 13.70 13.75
N ASP C 206 -17.52 14.46 13.64
CA ASP C 206 -18.34 14.74 14.80
C ASP C 206 -19.28 13.61 15.20
N VAL C 207 -19.64 12.73 14.27
CA VAL C 207 -20.34 11.50 14.62
C VAL C 207 -19.38 10.57 15.38
N ILE C 208 -18.19 10.35 14.81
CA ILE C 208 -17.37 9.20 15.15
C ILE C 208 -16.88 9.29 16.60
N LYS C 209 -17.19 10.40 17.25
CA LYS C 209 -16.60 10.71 18.55
C LYS C 209 -17.66 10.82 19.65
N MET C 210 -18.87 11.24 19.26
CA MET C 210 -20.09 10.60 19.72
C MET C 210 -19.89 9.10 19.95
N LEU C 211 -19.28 8.43 18.99
CA LEU C 211 -19.07 6.98 19.07
C LEU C 211 -18.06 6.56 20.13
N ALA C 212 -16.95 7.28 20.15
CA ALA C 212 -15.87 6.96 21.06
C ALA C 212 -16.24 7.29 22.48
N GLU C 213 -16.78 8.50 22.68
CA GLU C 213 -16.95 9.06 24.01
C GLU C 213 -18.09 8.40 24.72
N LYS C 214 -19.28 8.48 24.13
CA LYS C 214 -20.45 7.71 24.57
C LYS C 214 -20.21 6.21 24.73
N ASN C 215 -19.15 5.71 24.08
CA ASN C 215 -18.95 4.30 23.80
C ASN C 215 -20.21 3.66 23.27
N ILE C 216 -20.50 3.99 22.02
CA ILE C 216 -21.66 3.48 21.32
C ILE C 216 -21.28 2.85 19.97
N SER C 217 -22.03 1.85 19.53
CA SER C 217 -21.72 1.17 18.27
C SER C 217 -22.20 1.99 17.08
N ALA C 218 -23.24 2.80 17.30
CA ALA C 218 -23.90 3.52 16.22
C ALA C 218 -24.54 4.83 16.69
N VAL C 219 -24.80 5.74 15.75
CA VAL C 219 -25.54 6.98 16.03
C VAL C 219 -26.68 7.06 15.01
N PRO C 220 -27.93 7.26 15.48
CA PRO C 220 -29.01 7.43 14.51
C PRO C 220 -29.04 8.82 13.88
N ILE C 221 -29.56 8.88 12.65
CA ILE C 221 -29.72 10.14 11.94
C ILE C 221 -31.18 10.55 11.83
N VAL C 222 -31.49 11.72 12.39
CA VAL C 222 -32.86 12.21 12.50
C VAL C 222 -33.01 13.52 11.72
N ASN C 223 -34.24 13.86 11.33
CA ASN C 223 -34.49 15.16 10.70
C ASN C 223 -35.02 16.20 11.70
N SER C 224 -35.43 17.35 11.18
CA SER C 224 -35.85 18.47 12.03
C SER C 224 -37.18 18.18 12.72
N GLU C 225 -38.11 17.57 11.97
CA GLU C 225 -39.40 17.07 12.49
C GLU C 225 -39.20 15.93 13.51
N GLY C 226 -38.00 15.37 13.52
CA GLY C 226 -37.53 14.50 14.59
C GLY C 226 -37.58 13.05 14.22
N THR C 227 -37.84 12.79 12.94
CA THR C 227 -38.09 11.45 12.46
C THR C 227 -36.81 10.75 11.98
N LEU C 228 -36.69 9.47 12.33
CA LEU C 228 -35.54 8.62 12.05
C LEU C 228 -35.43 8.40 10.58
N LEU C 229 -34.21 8.52 10.05
CA LEU C 229 -33.94 8.33 8.61
C LEU C 229 -32.99 7.18 8.31
N ASN C 230 -31.96 7.07 9.16
CA ASN C 230 -30.81 6.23 8.89
C ASN C 230 -29.98 6.12 10.14
N VAL C 231 -28.83 5.43 10.04
CA VAL C 231 -27.89 5.28 11.14
C VAL C 231 -26.47 5.31 10.60
N TYR C 232 -25.60 6.12 11.18
CA TYR C 232 -24.21 6.06 10.82
C TYR C 232 -23.49 5.18 11.83
N GLU C 233 -23.15 3.98 11.40
CA GLU C 233 -22.58 2.97 12.26
C GLU C 233 -21.11 3.25 12.41
N SER C 234 -20.45 2.61 13.36
CA SER C 234 -19.01 2.79 13.49
C SER C 234 -18.31 1.94 12.47
N VAL C 235 -18.97 0.86 12.04
CA VAL C 235 -18.38 0.01 11.01
C VAL C 235 -18.41 0.75 9.68
N ASP C 236 -19.22 1.80 9.60
CA ASP C 236 -19.30 2.64 8.40
C ASP C 236 -18.02 3.39 8.17
N VAL C 237 -17.15 3.41 9.19
CA VAL C 237 -15.89 4.15 9.13
C VAL C 237 -14.89 3.45 8.21
N MET C 238 -14.92 2.13 8.23
CA MET C 238 -14.20 1.29 7.30
C MET C 238 -14.43 1.71 5.87
N HIS C 239 -15.69 1.90 5.51
CA HIS C 239 -16.08 2.28 4.15
C HIS C 239 -15.70 3.69 3.79
N LEU C 240 -15.30 4.48 4.78
CA LEU C 240 -14.88 5.84 4.52
C LEU C 240 -13.36 6.00 4.29
N ILE C 241 -12.56 5.12 4.92
CA ILE C 241 -11.12 5.24 4.88
C ILE C 241 -10.40 4.09 4.23
N GLN C 242 -11.14 3.10 3.73
CA GLN C 242 -10.49 1.94 3.11
C GLN C 242 -9.70 2.34 1.87
N ASP C 243 -9.94 3.56 1.40
CA ASP C 243 -9.21 4.08 0.25
C ASP C 243 -8.03 4.96 0.68
N GLY C 244 -7.93 5.17 2.02
CA GLY C 244 -6.90 5.95 2.66
C GLY C 244 -7.03 7.43 2.36
N ASP C 245 -8.27 7.85 2.13
CA ASP C 245 -8.61 9.25 2.01
C ASP C 245 -9.19 9.63 3.34
N TYR C 246 -8.33 10.11 4.23
CA TYR C 246 -8.72 10.39 5.60
C TYR C 246 -9.45 11.72 5.70
N SER C 247 -9.55 12.43 4.57
CA SER C 247 -10.33 13.68 4.49
C SER C 247 -11.82 13.45 4.15
N ASN C 248 -12.20 12.19 3.92
CA ASN C 248 -13.61 11.80 3.84
C ASN C 248 -14.24 11.88 5.22
N LEU C 249 -13.39 12.02 6.23
CA LEU C 249 -13.85 12.27 7.57
C LEU C 249 -14.33 13.73 7.72
N ASP C 250 -14.14 14.53 6.66
CA ASP C 250 -14.62 15.91 6.67
C ASP C 250 -15.94 16.12 5.93
N LEU C 251 -16.53 15.03 5.45
CA LEU C 251 -17.79 15.09 4.74
C LEU C 251 -18.96 15.27 5.69
N SER C 252 -20.12 15.60 5.14
CA SER C 252 -21.36 15.48 5.88
C SER C 252 -21.77 14.00 5.98
N VAL C 253 -22.58 13.65 6.96
CA VAL C 253 -23.12 12.30 7.02
C VAL C 253 -23.86 11.94 5.73
N GLY C 254 -24.64 12.89 5.21
CA GLY C 254 -25.34 12.68 3.95
C GLY C 254 -24.34 12.29 2.88
N GLU C 255 -23.38 13.17 2.62
CA GLU C 255 -22.31 12.89 1.69
C GLU C 255 -21.71 11.51 1.94
N ALA C 256 -21.51 11.18 3.23
CA ALA C 256 -20.89 9.91 3.61
C ALA C 256 -21.78 8.70 3.30
N LEU C 257 -23.04 8.75 3.75
CA LEU C 257 -24.01 7.68 3.48
C LEU C 257 -24.19 7.41 1.97
N LEU C 258 -24.07 8.45 1.15
CA LEU C 258 -24.08 8.28 -0.31
C LEU C 258 -23.09 7.25 -0.82
N LYS C 259 -21.98 7.06 -0.10
CA LYS C 259 -20.90 6.19 -0.53
C LYS C 259 -21.07 4.80 0.04
N ARG C 260 -22.08 4.65 0.90
CA ARG C 260 -22.38 3.35 1.47
C ARG C 260 -22.93 2.42 0.43
N PRO C 261 -22.38 1.18 0.36
CA PRO C 261 -22.79 0.14 -0.60
C PRO C 261 -24.03 -0.65 -0.13
N ALA C 262 -24.64 -1.39 -1.05
CA ALA C 262 -25.90 -2.12 -0.80
C ALA C 262 -25.80 -3.30 0.17
N ASN C 263 -24.58 -3.75 0.45
CA ASN C 263 -24.33 -4.81 1.42
C ASN C 263 -24.52 -4.28 2.84
N PHE C 264 -25.75 -3.93 3.19
CA PHE C 264 -26.04 -3.20 4.42
C PHE C 264 -27.13 -3.91 5.17
N ASP C 265 -26.83 -4.30 6.40
CA ASP C 265 -27.76 -5.14 7.17
C ASP C 265 -29.10 -4.47 7.43
N GLY C 266 -29.11 -3.16 7.55
CA GLY C 266 -30.37 -2.42 7.67
C GLY C 266 -30.53 -1.54 8.90
N VAL C 267 -31.65 -0.83 8.93
CA VAL C 267 -32.04 0.00 10.06
C VAL C 267 -33.39 -0.54 10.60
N HIS C 268 -33.35 -1.19 11.75
CA HIS C 268 -34.50 -1.91 12.30
C HIS C 268 -35.30 -1.10 13.32
N THR C 269 -36.63 -1.18 13.27
CA THR C 269 -37.47 -0.43 14.20
C THR C 269 -38.38 -1.31 15.03
N CYS C 270 -39.01 -0.70 16.05
CA CYS C 270 -40.10 -1.29 16.79
C CYS C 270 -40.87 -0.24 17.57
N ARG C 271 -42.12 -0.56 17.84
CA ARG C 271 -42.94 0.19 18.74
C ARG C 271 -42.47 -0.06 20.17
N ALA C 272 -42.77 0.90 21.04
CA ALA C 272 -42.49 0.78 22.48
C ALA C 272 -43.51 -0.16 23.12
N THR C 273 -44.60 -0.39 22.39
CA THR C 273 -45.61 -1.37 22.75
C THR C 273 -45.06 -2.80 22.62
N ASP C 274 -44.29 -3.05 21.57
CA ASP C 274 -43.69 -4.36 21.28
C ASP C 274 -42.89 -4.97 22.43
N ARG C 275 -42.56 -6.25 22.29
CA ARG C 275 -41.92 -7.01 23.37
C ARG C 275 -40.78 -7.86 22.83
N LEU C 276 -40.02 -8.47 23.75
CA LEU C 276 -38.84 -9.25 23.42
C LEU C 276 -39.10 -10.44 22.49
N ASP C 277 -40.24 -11.12 22.69
CA ASP C 277 -40.57 -12.32 21.93
C ASP C 277 -40.44 -12.05 20.45
N GLY C 278 -40.87 -10.85 20.04
CA GLY C 278 -40.78 -10.39 18.67
C GLY C 278 -39.37 -10.08 18.15
N ILE C 279 -38.56 -9.41 18.96
CA ILE C 279 -37.21 -9.05 18.52
C ILE C 279 -36.31 -10.28 18.43
N PHE C 280 -36.64 -11.33 19.17
CA PHE C 280 -35.95 -12.60 18.97
C PHE C 280 -36.31 -13.19 17.61
N ASP C 281 -37.58 -13.09 17.21
CA ASP C 281 -37.98 -13.58 15.90
C ASP C 281 -37.22 -12.80 14.82
N ALA C 282 -36.99 -11.53 15.08
CA ALA C 282 -36.17 -10.70 14.22
C ALA C 282 -34.82 -11.36 14.06
N ILE C 283 -34.03 -11.33 15.14
CA ILE C 283 -32.61 -11.72 15.13
C ILE C 283 -32.38 -13.18 14.73
N LYS C 284 -33.46 -13.94 14.62
CA LYS C 284 -33.44 -15.35 14.23
C LYS C 284 -33.28 -15.50 12.73
N HIS C 285 -33.86 -14.57 11.98
CA HIS C 285 -33.80 -14.66 10.53
C HIS C 285 -32.95 -13.53 9.92
N SER C 286 -33.38 -12.29 10.12
CA SER C 286 -32.62 -11.12 9.66
C SER C 286 -31.33 -10.94 10.48
N ARG C 287 -30.35 -10.25 9.91
CA ARG C 287 -29.16 -9.92 10.68
C ARG C 287 -29.44 -8.60 11.38
N VAL C 288 -30.01 -8.67 12.57
CA VAL C 288 -30.29 -7.45 13.37
C VAL C 288 -29.04 -7.01 14.16
N HIS C 289 -28.89 -5.71 14.41
CA HIS C 289 -27.78 -5.22 15.27
C HIS C 289 -28.24 -4.24 16.33
N ARG C 290 -29.50 -3.80 16.21
CA ARG C 290 -30.09 -2.88 17.16
C ARG C 290 -31.49 -2.52 16.70
N LEU C 291 -32.36 -2.22 17.66
CA LEU C 291 -33.70 -1.75 17.34
C LEU C 291 -33.86 -0.32 17.82
N PHE C 292 -34.53 0.48 16.99
CA PHE C 292 -34.80 1.85 17.34
C PHE C 292 -36.26 1.96 17.69
N VAL C 293 -36.55 2.48 18.88
CA VAL C 293 -37.90 2.67 19.30
C VAL C 293 -38.39 3.94 18.66
N VAL C 294 -39.52 3.82 17.96
CA VAL C 294 -40.15 4.96 17.31
C VAL C 294 -41.64 5.01 17.69
N ASP C 295 -42.44 5.73 16.90
CA ASP C 295 -43.86 5.90 17.22
C ASP C 295 -44.69 5.90 15.95
N GLU C 296 -45.89 6.50 16.03
CA GLU C 296 -46.74 6.73 14.86
C GLU C 296 -45.97 7.21 13.62
N ASN C 297 -45.15 8.25 13.81
CA ASN C 297 -44.54 8.97 12.69
C ASN C 297 -43.04 8.79 12.56
N LEU C 298 -42.55 7.66 13.06
CA LEU C 298 -41.12 7.35 13.04
C LEU C 298 -40.29 8.38 13.76
N LYS C 299 -40.87 9.05 14.75
CA LYS C 299 -40.08 9.88 15.65
C LYS C 299 -39.33 8.96 16.61
N LEU C 300 -38.06 9.25 16.83
CA LEU C 300 -37.21 8.44 17.67
C LEU C 300 -37.59 8.64 19.13
N GLU C 301 -37.83 7.53 19.83
CA GLU C 301 -38.22 7.53 21.25
C GLU C 301 -37.19 6.82 22.14
N GLY C 302 -36.25 6.10 21.55
CA GLY C 302 -35.30 5.30 22.33
C GLY C 302 -34.46 4.31 21.54
N ILE C 303 -33.49 3.68 22.21
CA ILE C 303 -32.63 2.68 21.57
C ILE C 303 -32.48 1.42 22.42
N LEU C 304 -33.00 0.33 21.91
CA LEU C 304 -32.77 -0.97 22.50
C LEU C 304 -31.67 -1.66 21.69
N SER C 305 -30.54 -1.88 22.34
CA SER C 305 -29.33 -2.39 21.69
C SER C 305 -29.07 -3.86 22.06
N LEU C 306 -28.29 -4.56 21.26
CA LEU C 306 -28.05 -5.99 21.51
C LEU C 306 -27.45 -6.31 22.90
N ALA C 307 -26.55 -5.44 23.38
CA ALA C 307 -26.01 -5.54 24.73
C ALA C 307 -27.13 -5.27 25.76
N ASP C 308 -27.92 -4.23 25.49
CA ASP C 308 -29.13 -3.98 26.26
C ASP C 308 -29.90 -5.26 26.50
N ILE C 309 -30.00 -6.11 25.48
CA ILE C 309 -30.85 -7.27 25.61
C ILE C 309 -30.12 -8.48 26.15
N LEU C 310 -28.83 -8.59 25.84
CA LEU C 310 -28.05 -9.70 26.36
C LEU C 310 -27.92 -9.55 27.86
N ASN C 311 -27.74 -8.30 28.28
CA ASN C 311 -27.57 -7.96 29.69
C ASN C 311 -28.85 -8.01 30.46
N TYR C 312 -29.96 -7.74 29.79
CA TYR C 312 -31.23 -7.89 30.46
C TYR C 312 -31.44 -9.37 30.78
N ILE C 313 -31.11 -10.24 29.84
CA ILE C 313 -31.32 -11.67 30.11
C ILE C 313 -30.20 -12.31 30.95
N ILE C 314 -28.95 -11.88 30.81
CA ILE C 314 -27.90 -12.50 31.64
C ILE C 314 -28.01 -12.21 33.13
N TYR C 315 -28.42 -11.00 33.52
CA TYR C 315 -28.43 -10.69 34.94
C TYR C 315 -29.68 -11.15 35.70
N ASP C 316 -29.46 -11.88 36.80
CA ASP C 316 -30.48 -12.22 37.79
C ASP C 316 -30.94 -10.96 38.51
N ASN D 11 -7.00 15.35 -4.53
CA ASN D 11 -6.15 15.88 -3.42
C ASN D 11 -5.11 16.85 -3.98
N LYS D 12 -5.23 18.13 -3.60
CA LYS D 12 -4.56 19.24 -4.29
C LYS D 12 -3.33 19.87 -3.59
N TRP D 13 -2.45 20.47 -4.37
CA TRP D 13 -1.28 21.18 -3.84
C TRP D 13 -1.70 22.53 -3.25
N HIS D 14 -1.18 22.86 -2.08
CA HIS D 14 -1.47 24.12 -1.41
C HIS D 14 -0.19 24.49 -0.66
N PHE D 15 0.10 25.78 -0.55
CA PHE D 15 1.28 26.21 0.18
C PHE D 15 1.13 25.89 1.64
N GLY D 16 2.27 25.61 2.29
CA GLY D 16 2.37 25.47 3.74
C GLY D 16 1.70 24.22 4.27
N VAL D 17 1.41 24.23 5.56
CA VAL D 17 0.74 23.12 6.26
C VAL D 17 -0.45 23.68 7.04
N ARG D 18 -1.63 23.08 6.85
CA ARG D 18 -2.85 23.54 7.50
C ARG D 18 -2.91 23.28 9.01
N CYS D 19 -3.53 24.23 9.71
CA CYS D 19 -3.76 24.15 11.14
C CYS D 19 -5.20 24.57 11.42
N ARG D 20 -5.74 24.14 12.55
CA ARG D 20 -7.05 24.58 12.99
C ARG D 20 -7.06 25.18 14.41
N GLY D 21 -8.11 25.96 14.71
CA GLY D 21 -8.42 26.35 16.07
C GLY D 21 -7.90 27.72 16.50
N ASP D 22 -6.97 27.71 17.46
CA ASP D 22 -6.39 28.94 18.00
C ASP D 22 -4.89 29.10 17.65
N ALA D 23 -4.54 30.22 17.03
CA ALA D 23 -3.13 30.51 16.66
C ALA D 23 -2.08 30.41 17.81
N PRO D 24 -2.36 30.98 19.01
CA PRO D 24 -1.39 30.84 20.09
C PRO D 24 -1.06 29.38 20.46
N GLU D 25 -2.05 28.48 20.38
CA GLU D 25 -1.85 27.05 20.61
C GLU D 25 -1.00 26.48 19.49
N ILE D 26 -1.27 26.94 18.27
CA ILE D 26 -0.58 26.46 17.10
C ILE D 26 0.89 26.88 17.10
N LEU D 27 1.16 28.10 17.55
CA LEU D 27 2.54 28.57 17.59
C LEU D 27 3.33 27.58 18.45
N LEU D 28 2.75 27.18 19.58
CA LEU D 28 3.37 26.25 20.53
C LEU D 28 3.66 24.89 19.92
N ALA D 29 2.66 24.33 19.25
CA ALA D 29 2.81 23.07 18.52
C ALA D 29 4.05 23.14 17.63
N VAL D 30 4.26 24.29 16.98
CA VAL D 30 5.41 24.48 16.09
C VAL D 30 6.73 24.49 16.86
N TYR D 31 6.79 25.30 17.92
CA TYR D 31 8.00 25.39 18.71
C TYR D 31 8.42 24.04 19.26
N ARG D 32 7.46 23.32 19.83
CA ARG D 32 7.69 21.96 20.33
C ARG D 32 8.17 20.99 19.21
N ALA D 33 7.66 21.17 17.99
CA ALA D 33 8.09 20.35 16.86
C ALA D 33 9.50 20.70 16.39
N LEU D 34 9.87 21.98 16.51
CA LEU D 34 11.24 22.47 16.20
C LEU D 34 12.31 21.95 17.18
N GLN D 35 11.94 21.75 18.44
CA GLN D 35 12.92 21.26 19.40
C GLN D 35 13.21 19.79 19.15
N ARG D 36 12.17 19.00 18.85
CA ARG D 36 12.31 17.54 18.65
C ARG D 36 13.03 17.22 17.33
N ALA D 37 13.17 18.25 16.50
CA ALA D 37 13.79 18.14 15.19
C ALA D 37 15.29 18.42 15.25
N GLY D 38 15.69 19.22 16.22
CA GLY D 38 17.10 19.59 16.38
C GLY D 38 17.37 20.89 15.65
N ALA D 39 16.65 21.93 16.09
CA ALA D 39 16.68 23.21 15.42
C ALA D 39 16.80 24.32 16.45
N GLN D 40 17.52 25.39 16.11
CA GLN D 40 17.45 26.64 16.87
C GLN D 40 16.30 27.49 16.31
N PHE D 41 15.92 28.53 17.04
CA PHE D 41 14.86 29.43 16.61
C PHE D 41 14.84 30.71 17.42
N THR D 42 14.14 31.71 16.91
CA THR D 42 13.91 32.97 17.61
C THR D 42 12.72 32.84 18.53
N VAL D 43 12.66 33.71 19.53
CA VAL D 43 11.63 33.69 20.57
C VAL D 43 10.85 35.00 20.53
N PRO D 44 9.51 34.94 20.68
CA PRO D 44 8.68 36.15 20.63
C PRO D 44 9.22 37.26 21.54
N LYS D 45 9.89 38.23 20.92
CA LYS D 45 10.46 39.36 21.64
C LYS D 45 9.44 40.49 21.78
N PRO D 46 8.96 40.75 23.01
CA PRO D 46 8.08 41.90 23.24
C PRO D 46 8.79 43.22 22.94
N VAL D 47 8.07 44.09 22.25
CA VAL D 47 8.53 45.45 21.98
C VAL D 47 7.63 46.38 22.79
N ASN D 48 8.26 47.34 23.46
CA ASN D 48 7.60 48.23 24.41
C ASN D 48 6.57 47.52 25.31
N GLY D 49 7.00 46.45 25.98
CA GLY D 49 6.16 45.69 26.90
C GLY D 49 4.91 45.05 26.31
N LYS D 50 4.92 44.77 25.00
CA LYS D 50 3.76 44.20 24.31
C LYS D 50 4.14 43.25 23.18
N TYR D 51 3.50 42.07 23.14
CA TYR D 51 3.64 41.08 22.04
C TYR D 51 2.85 41.48 20.79
N ARG D 52 3.28 41.01 19.62
CA ARG D 52 2.74 41.49 18.33
C ARG D 52 2.33 40.40 17.30
N SER D 53 1.91 40.85 16.12
CA SER D 53 1.59 39.94 15.02
C SER D 53 2.85 39.36 14.38
N ASP D 54 4.01 39.93 14.71
CA ASP D 54 5.30 39.42 14.26
C ASP D 54 5.73 38.22 15.13
N MET D 55 4.94 37.97 16.17
CA MET D 55 5.06 36.77 17.01
C MET D 55 5.11 35.54 16.12
N TYR D 56 4.31 35.57 15.06
CA TYR D 56 4.08 34.41 14.23
C TYR D 56 5.13 34.23 13.14
N THR D 57 6.32 34.80 13.34
CA THR D 57 7.39 34.73 12.34
C THR D 57 8.65 34.16 12.97
N ILE D 58 8.83 32.85 12.82
CA ILE D 58 9.89 32.11 13.51
C ILE D 58 11.06 31.82 12.59
N LYS D 59 12.16 32.56 12.78
CA LYS D 59 13.39 32.34 12.03
C LYS D 59 14.07 31.17 12.74
N SER D 60 14.48 30.15 12.00
CA SER D 60 14.95 28.90 12.62
C SER D 60 16.28 28.45 12.03
N ARG D 61 17.18 27.97 12.88
CA ARG D 61 18.48 27.53 12.40
C ARG D 61 18.67 26.02 12.62
N TRP D 62 19.01 25.31 11.55
CA TRP D 62 19.01 23.85 11.53
C TRP D 62 20.39 23.26 11.31
N GLU D 63 20.84 22.42 12.22
CA GLU D 63 22.07 21.67 12.01
C GLU D 63 21.79 20.62 10.94
N ILE D 64 22.19 20.93 9.71
CA ILE D 64 21.96 20.05 8.57
C ILE D 64 22.78 18.75 8.73
N PRO D 65 22.09 17.59 8.73
CA PRO D 65 22.64 16.24 8.98
C PRO D 65 23.85 15.81 8.14
N HIS D 66 23.73 15.84 6.82
CA HIS D 66 24.75 15.24 5.94
C HIS D 66 26.00 16.08 5.79
N CYS D 67 26.01 17.25 6.41
CA CYS D 67 27.20 18.11 6.40
C CYS D 67 28.02 17.88 7.66
N LYS D 68 27.33 17.57 8.75
CA LYS D 68 27.97 17.19 10.00
C LYS D 68 28.67 15.83 9.85
N ARG D 69 27.98 14.84 9.29
CA ARG D 69 28.53 13.49 9.08
C ARG D 69 29.90 13.52 8.39
N GLU D 70 30.02 14.35 7.35
CA GLU D 70 31.34 14.68 6.79
C GLU D 70 31.70 16.14 7.07
N GLY D 71 32.58 16.31 8.07
CA GLY D 71 32.95 17.59 8.67
C GLY D 71 32.82 18.89 7.89
N LYS D 72 31.58 19.40 7.80
CA LYS D 72 31.31 20.75 7.29
C LYS D 72 30.22 21.46 8.10
N ASN D 73 30.61 22.48 8.86
CA ASN D 73 29.69 23.23 9.72
C ASN D 73 28.83 24.23 8.95
N THR D 74 27.88 23.69 8.17
CA THR D 74 26.90 24.47 7.41
C THR D 74 25.52 24.40 8.05
N TYR D 75 24.84 25.54 8.05
CA TYR D 75 23.52 25.63 8.65
C TYR D 75 22.49 25.90 7.57
N ALA D 76 21.25 25.54 7.87
CA ALA D 76 20.12 25.76 7.01
C ALA D 76 19.17 26.72 7.72
N TYR D 77 18.78 27.79 7.03
CA TYR D 77 17.89 28.79 7.58
C TYR D 77 16.52 28.70 6.91
N ILE D 78 15.51 28.28 7.68
CA ILE D 78 14.11 28.15 7.24
C ILE D 78 13.28 29.18 7.99
N GLU D 79 12.38 29.89 7.29
CA GLU D 79 11.48 30.84 7.96
C GLU D 79 10.03 30.37 8.09
N LEU D 80 9.56 30.27 9.32
CA LEU D 80 8.18 29.83 9.58
C LEU D 80 7.27 31.05 9.62
N GLN D 81 6.03 30.87 9.15
CA GLN D 81 5.04 31.94 9.19
C GLN D 81 3.64 31.37 9.26
N LEU D 82 2.80 31.97 10.12
CA LEU D 82 1.44 31.52 10.24
C LEU D 82 0.52 32.59 9.73
N TYR D 83 -0.41 32.21 8.85
CA TYR D 83 -1.47 33.09 8.45
C TYR D 83 -2.84 32.53 8.81
N GLU D 84 -3.79 33.42 9.12
CA GLU D 84 -5.19 33.07 9.32
C GLU D 84 -5.90 33.12 7.97
N VAL D 85 -6.63 32.06 7.64
CA VAL D 85 -7.44 32.02 6.44
C VAL D 85 -8.91 32.25 6.79
N MET D 86 -9.40 31.52 7.78
CA MET D 86 -10.77 31.61 8.28
C MET D 86 -10.80 31.73 9.81
N PRO D 87 -12.00 31.81 10.43
CA PRO D 87 -12.03 31.67 11.89
C PRO D 87 -11.56 30.27 12.30
N GLY D 88 -10.47 30.22 13.06
CA GLY D 88 -9.84 28.95 13.41
C GLY D 88 -9.40 28.08 12.24
N CYS D 89 -8.75 28.69 11.24
CA CYS D 89 -8.08 27.94 10.16
C CYS D 89 -6.82 28.66 9.68
N PHE D 90 -5.69 27.97 9.69
CA PHE D 90 -4.39 28.62 9.55
C PHE D 90 -3.47 27.93 8.58
N MET D 91 -2.52 28.68 8.03
CA MET D 91 -1.46 28.11 7.24
C MET D 91 -0.13 28.30 7.91
N LEU D 92 0.57 27.19 8.19
CA LEU D 92 1.96 27.30 8.56
C LEU D 92 2.76 27.39 7.26
N ASP D 93 2.94 28.61 6.76
CA ASP D 93 3.75 28.81 5.58
C ASP D 93 5.24 28.61 5.95
N VAL D 94 6.03 28.05 5.03
CA VAL D 94 7.43 27.68 5.30
C VAL D 94 8.44 28.23 4.26
N LYS D 95 8.85 29.48 4.42
CA LYS D 95 9.82 30.13 3.52
C LYS D 95 11.24 29.59 3.79
N SER D 96 12.10 29.60 2.77
CA SER D 96 13.49 29.15 2.95
C SER D 96 14.44 30.29 2.71
N ASN D 97 15.41 30.49 3.60
CA ASN D 97 16.43 31.51 3.36
C ASN D 97 17.81 30.97 2.87
N GLY D 98 18.00 29.65 2.98
CA GLY D 98 19.17 28.98 2.37
C GLY D 98 20.26 28.45 3.29
N TYR D 99 21.47 28.34 2.74
CA TYR D 99 22.59 27.65 3.41
C TYR D 99 23.86 28.50 3.50
N LYS D 100 24.55 28.40 4.64
CA LYS D 100 25.80 29.14 4.88
C LYS D 100 26.76 28.33 5.77
N ASP D 101 28.04 28.40 5.45
CA ASP D 101 29.07 27.79 6.30
C ASP D 101 29.53 28.76 7.41
N ASP D 116 25.45 30.54 -8.59
CA ASP D 116 24.61 30.81 -7.44
C ASP D 116 23.41 29.87 -7.43
N LEU D 117 23.68 28.58 -7.25
CA LEU D 117 22.66 27.53 -7.35
C LEU D 117 21.81 27.48 -6.10
N LYS D 118 20.64 28.11 -6.16
CA LYS D 118 19.74 28.16 -5.01
C LYS D 118 18.85 26.89 -4.92
N SER D 119 19.46 25.75 -4.59
CA SER D 119 18.78 24.43 -4.62
C SER D 119 17.66 24.24 -3.60
N SER D 120 16.79 23.27 -3.86
CA SER D 120 15.62 23.08 -3.05
C SER D 120 15.78 21.95 -2.04
N PHE D 121 16.94 21.29 -2.07
CA PHE D 121 17.32 20.30 -1.08
C PHE D 121 18.57 20.82 -0.35
N PRO D 122 18.74 20.48 0.95
CA PRO D 122 17.98 19.61 1.84
C PRO D 122 16.77 20.27 2.51
N PHE D 123 16.28 21.36 1.92
CA PHE D 123 15.13 22.08 2.46
C PHE D 123 13.87 21.21 2.53
N LEU D 124 13.53 20.54 1.43
CA LEU D 124 12.38 19.65 1.44
C LEU D 124 12.64 18.57 2.46
N ASP D 125 13.89 18.10 2.51
CA ASP D 125 14.32 17.06 3.47
C ASP D 125 14.13 17.55 4.89
N LEU D 126 14.49 18.80 5.16
CA LEU D 126 14.27 19.38 6.47
C LEU D 126 12.77 19.52 6.77
N CYS D 127 12.04 20.18 5.87
CA CYS D 127 10.58 20.24 5.96
C CYS D 127 9.94 18.88 6.36
N ALA D 128 10.38 17.81 5.71
CA ALA D 128 9.92 16.44 5.97
C ALA D 128 10.14 15.93 7.40
N MET D 129 11.16 16.46 8.08
CA MET D 129 11.31 16.24 9.52
C MET D 129 10.19 17.00 10.23
N LEU D 130 10.07 18.30 9.91
CA LEU D 130 9.14 19.19 10.60
C LEU D 130 7.74 18.63 10.53
N VAL D 131 7.29 18.35 9.33
CA VAL D 131 5.96 17.83 9.16
C VAL D 131 5.77 16.59 10.04
N CYS D 132 6.78 15.73 10.08
CA CYS D 132 6.69 14.51 10.88
C CYS D 132 6.61 14.79 12.37
N LYS D 133 7.35 15.81 12.81
CA LYS D 133 7.37 16.17 14.23
C LYS D 133 6.07 16.89 14.64
N LEU D 134 5.45 17.59 13.71
CA LEU D 134 4.15 18.20 13.97
C LEU D 134 3.05 17.13 14.01
N PHE D 135 3.23 16.08 13.22
CA PHE D 135 2.21 15.08 12.95
C PHE D 135 2.19 13.94 13.95
N SER D 136 3.34 13.71 14.56
CA SER D 136 3.49 12.69 15.61
C SER D 136 3.48 13.35 16.96
N ALA D 137 3.61 14.69 16.96
CA ALA D 137 3.66 15.52 18.17
C ALA D 137 2.65 15.08 19.20
N GLN E 6 20.92 35.14 19.15
CA GLN E 6 19.77 35.39 18.24
C GLN E 6 18.85 34.17 18.08
N TYR E 7 19.44 32.97 18.23
CA TYR E 7 18.74 31.71 17.96
C TYR E 7 18.74 30.75 19.14
N SER E 8 17.84 30.93 20.09
CA SER E 8 17.77 30.05 21.28
C SER E 8 17.19 28.65 20.98
N THR E 9 17.27 27.76 21.96
CA THR E 9 16.84 26.37 21.79
C THR E 9 15.68 25.95 22.72
N GLU E 10 15.21 26.89 23.55
CA GLU E 10 14.21 26.61 24.58
C GLU E 10 12.83 27.17 24.24
N ILE E 11 11.77 26.46 24.64
CA ILE E 11 10.39 26.84 24.32
C ILE E 11 10.00 28.11 25.07
N PRO E 12 9.53 29.13 24.31
CA PRO E 12 9.04 30.40 24.86
C PRO E 12 8.17 30.16 26.08
N ALA E 13 8.69 30.55 27.24
CA ALA E 13 8.07 30.31 28.54
C ALA E 13 6.55 30.52 28.57
N PHE E 14 6.12 31.68 28.11
CA PHE E 14 4.71 32.07 28.15
C PHE E 14 3.79 31.14 27.35
N LEU E 15 4.34 30.03 26.87
CA LEU E 15 3.59 29.02 26.15
C LEU E 15 3.78 27.62 26.74
N THR E 16 4.84 27.44 27.53
CA THR E 16 5.19 26.13 28.11
C THR E 16 3.97 25.47 28.73
N SER E 17 3.15 26.28 29.40
CA SER E 17 1.98 25.81 30.13
C SER E 17 0.62 26.51 30.08
N ASN E 18 0.56 27.72 30.65
CA ASN E 18 -0.68 28.50 30.77
C ASN E 18 -0.66 29.52 29.64
N THR E 19 -1.51 29.29 28.63
CA THR E 19 -1.71 30.21 27.49
C THR E 19 -3.19 30.54 27.29
N LEU E 20 -4.04 29.59 27.66
CA LEU E 20 -5.49 29.62 27.40
C LEU E 20 -6.19 30.84 28.00
N GLN E 21 -6.61 31.76 27.14
CA GLN E 21 -7.27 33.03 27.51
C GLN E 21 -6.56 33.80 28.63
N GLU E 22 -5.24 33.91 28.51
CA GLU E 22 -4.43 34.75 29.38
C GLU E 22 -3.57 35.63 28.48
N LEU E 23 -3.41 36.89 28.91
CA LEU E 23 -2.72 37.95 28.13
C LEU E 23 -3.43 38.35 26.81
N LYS E 24 -4.47 37.61 26.44
CA LYS E 24 -5.26 37.87 25.22
C LYS E 24 -4.32 38.20 24.07
N LEU E 25 -3.51 37.22 23.70
CA LEU E 25 -2.38 37.40 22.79
C LEU E 25 -2.81 37.90 21.41
N PRO E 26 -1.90 38.58 20.69
CA PRO E 26 -2.11 39.11 19.34
C PRO E 26 -2.39 38.03 18.30
N LYS E 27 -3.11 38.40 17.24
CA LYS E 27 -3.53 37.50 16.16
C LYS E 27 -2.63 37.65 14.93
N PRO E 28 -2.39 36.55 14.18
CA PRO E 28 -1.50 36.55 13.01
C PRO E 28 -2.11 37.24 11.79
N PRO E 29 -1.30 37.49 10.74
CA PRO E 29 -1.87 38.07 9.52
C PRO E 29 -2.89 37.17 8.85
N SER E 30 -3.76 37.79 8.06
CA SER E 30 -4.65 37.14 7.13
C SER E 30 -3.81 36.43 6.06
N LEU E 31 -4.31 35.36 5.48
CA LEU E 31 -3.62 34.72 4.36
C LEU E 31 -3.67 35.59 3.10
N PRO E 32 -2.49 36.09 2.65
CA PRO E 32 -2.40 36.99 1.49
C PRO E 32 -2.72 36.27 0.17
N PRO E 33 -3.26 37.00 -0.83
CA PRO E 33 -3.87 36.39 -2.00
C PRO E 33 -2.97 35.42 -2.75
N HIS E 34 -1.69 35.76 -2.90
CA HIS E 34 -0.77 34.96 -3.69
C HIS E 34 -0.51 33.51 -3.20
N LEU E 35 -0.63 33.27 -1.91
CA LEU E 35 -0.45 31.92 -1.37
C LEU E 35 -1.76 31.15 -1.43
N GLU E 36 -2.76 31.78 -2.05
CA GLU E 36 -4.07 31.17 -2.19
C GLU E 36 -4.03 30.14 -3.32
N LYS E 37 -3.22 30.42 -4.35
CA LYS E 37 -3.07 29.54 -5.51
C LYS E 37 -1.64 29.05 -5.62
N CYS E 38 -1.46 27.91 -6.30
CA CYS E 38 -0.21 27.17 -6.28
C CYS E 38 0.02 26.51 -7.65
N ILE E 39 1.14 26.82 -8.31
CA ILE E 39 1.32 26.48 -9.75
C ILE E 39 1.33 25.00 -10.13
N LEU E 40 1.56 24.12 -9.16
CA LEU E 40 1.51 22.68 -9.42
C LEU E 40 0.10 22.13 -9.70
N ASN E 41 -0.91 22.97 -9.47
CA ASN E 41 -2.29 22.60 -9.71
C ASN E 41 -2.79 23.00 -11.07
N SER E 42 -2.25 24.08 -11.60
CA SER E 42 -2.58 24.49 -12.95
C SER E 42 -2.13 23.41 -13.94
N ASN E 43 -2.97 22.39 -14.09
CA ASN E 43 -2.87 21.52 -15.26
C ASN E 43 -3.29 22.38 -16.44
N THR E 44 -2.28 22.73 -17.25
CA THR E 44 -2.35 23.84 -18.20
C THR E 44 -2.44 23.37 -19.65
N ALA E 45 -1.82 22.22 -19.92
CA ALA E 45 -1.85 21.61 -21.25
C ALA E 45 -1.80 20.08 -21.13
N TYR E 46 -2.76 19.42 -21.76
CA TYR E 46 -2.82 17.96 -21.76
C TYR E 46 -1.79 17.37 -22.73
N LYS E 47 -1.64 18.04 -23.87
CA LYS E 47 -0.77 17.60 -24.96
C LYS E 47 0.75 17.69 -24.82
N GLU E 48 1.22 18.86 -24.39
CA GLU E 48 2.65 19.16 -24.25
C GLU E 48 3.21 18.41 -23.05
N ASP E 49 4.43 18.79 -22.66
CA ASP E 49 5.04 18.28 -21.45
C ASP E 49 4.09 18.34 -20.26
N GLN E 50 3.72 17.16 -19.72
CA GLN E 50 3.16 17.11 -18.39
C GLN E 50 4.11 17.93 -17.51
N SER E 51 5.40 17.86 -17.84
CA SER E 51 6.43 18.59 -17.08
C SER E 51 6.28 20.11 -17.09
N VAL E 52 5.92 20.67 -18.25
CA VAL E 52 5.80 22.13 -18.42
C VAL E 52 4.84 22.78 -17.43
N LEU E 53 5.25 23.92 -16.88
CA LEU E 53 4.43 24.71 -15.96
C LEU E 53 4.41 26.21 -16.26
N PRO E 54 3.48 26.95 -15.63
CA PRO E 54 3.46 28.39 -15.78
C PRO E 54 4.67 28.96 -15.07
N ASN E 55 4.93 30.26 -15.24
CA ASN E 55 6.09 30.86 -14.58
C ASN E 55 5.79 31.18 -13.12
N PRO E 56 6.64 30.70 -12.20
CA PRO E 56 6.34 30.85 -10.79
C PRO E 56 6.27 32.31 -10.43
N ASN E 57 5.59 32.62 -9.33
CA ASN E 57 5.55 33.96 -8.81
C ASN E 57 6.86 34.21 -8.07
N HIS E 58 7.58 35.24 -8.51
CA HIS E 58 8.93 35.50 -8.02
C HIS E 58 9.05 35.45 -6.49
N VAL E 59 8.07 36.03 -5.79
CA VAL E 59 8.12 36.07 -4.30
C VAL E 59 7.71 34.73 -3.66
N LEU E 60 7.29 33.78 -4.48
CA LEU E 60 6.95 32.45 -3.97
C LEU E 60 7.97 31.39 -4.42
N LEU E 61 9.23 31.81 -4.43
CA LEU E 61 10.32 30.89 -4.60
C LEU E 61 10.56 30.18 -3.29
N ASN E 62 10.94 28.91 -3.38
CA ASN E 62 11.31 28.11 -2.22
C ASN E 62 10.38 28.08 -1.00
N HIS E 63 9.12 28.49 -1.19
CA HIS E 63 8.10 28.22 -0.19
C HIS E 63 7.70 26.76 -0.33
N LEU E 64 7.38 26.14 0.80
CA LEU E 64 6.94 24.75 0.84
C LEU E 64 5.50 24.72 0.42
N ALA E 65 5.14 23.65 -0.29
CA ALA E 65 3.76 23.33 -0.61
C ALA E 65 3.66 21.83 -0.38
N ALA E 66 2.45 21.35 -0.09
CA ALA E 66 2.21 19.94 0.24
C ALA E 66 0.84 19.49 -0.27
N ALA E 67 0.74 18.23 -0.69
CA ALA E 67 -0.52 17.66 -1.12
C ALA E 67 -0.76 16.34 -0.42
N ASN E 68 -2.02 16.03 -0.15
CA ASN E 68 -2.41 14.70 0.31
C ASN E 68 -2.20 13.63 -0.77
N THR E 69 -1.44 12.58 -0.45
CA THR E 69 -1.19 11.51 -1.44
C THR E 69 -2.16 10.34 -1.37
N GLN E 70 -2.84 10.20 -0.22
CA GLN E 70 -3.80 9.09 0.01
C GLN E 70 -3.20 7.67 -0.02
N LEU E 71 -1.92 7.54 -0.33
CA LEU E 71 -1.22 6.24 -0.27
C LEU E 71 -0.04 6.15 0.74
N GLY E 72 -0.15 6.92 1.81
CA GLY E 72 0.70 6.75 2.97
C GLY E 72 2.08 7.32 2.76
N VAL E 73 2.17 8.36 1.93
CA VAL E 73 3.42 9.09 1.83
C VAL E 73 3.30 10.60 2.12
N LEU E 74 4.45 11.28 2.05
CA LEU E 74 4.50 12.72 2.13
C LEU E 74 4.78 13.24 0.75
N ALA E 75 3.90 14.12 0.26
CA ALA E 75 4.13 14.84 -0.98
C ALA E 75 4.58 16.28 -0.67
N LEU E 76 5.83 16.57 -0.98
CA LEU E 76 6.38 17.90 -0.71
C LEU E 76 6.90 18.59 -1.96
N SER E 77 6.82 19.90 -1.97
CA SER E 77 7.14 20.64 -3.18
C SER E 77 7.74 21.99 -2.88
N ALA E 78 8.50 22.50 -3.85
CA ALA E 78 9.11 23.82 -3.74
C ALA E 78 9.64 24.20 -5.11
N THR E 79 9.29 25.41 -5.57
CA THR E 79 9.82 25.92 -6.84
C THR E 79 11.10 26.70 -6.58
N THR E 80 12.15 26.36 -7.30
CA THR E 80 13.42 27.06 -7.17
C THR E 80 13.85 27.53 -8.55
N ARG E 81 14.52 28.68 -8.57
CA ARG E 81 15.12 29.24 -9.78
C ARG E 81 16.50 28.65 -10.00
N TYR E 82 16.64 27.73 -10.94
CA TYR E 82 17.96 27.21 -11.32
C TYR E 82 18.42 27.97 -12.54
N HIS E 83 19.61 28.57 -12.44
CA HIS E 83 20.09 29.54 -13.42
C HIS E 83 19.06 30.63 -13.71
N ARG E 84 18.52 30.65 -14.94
CA ARG E 84 17.42 31.52 -15.31
C ARG E 84 16.10 30.80 -15.60
N LYS E 85 16.06 29.48 -15.36
CA LYS E 85 14.85 28.68 -15.51
C LYS E 85 14.36 28.16 -14.16
N TYR E 86 13.17 27.57 -14.14
CA TYR E 86 12.51 27.19 -12.89
C TYR E 86 12.22 25.72 -12.83
N VAL E 87 12.87 25.05 -11.88
CA VAL E 87 12.59 23.66 -11.51
C VAL E 87 11.53 23.71 -10.43
N THR E 88 10.51 22.89 -10.55
CA THR E 88 9.44 22.94 -9.58
C THR E 88 9.21 21.54 -9.03
N THR E 89 10.15 21.12 -8.19
CA THR E 89 10.31 19.74 -7.78
C THR E 89 9.28 19.28 -6.77
N ALA E 90 8.57 18.23 -7.15
CA ALA E 90 7.60 17.55 -6.33
C ALA E 90 8.25 16.29 -5.75
N MET E 91 8.38 16.19 -4.42
CA MET E 91 9.02 15.02 -3.80
C MET E 91 8.00 14.06 -3.18
N PHE E 92 8.33 12.77 -3.19
CA PHE E 92 7.50 11.80 -2.51
C PHE E 92 8.35 10.98 -1.55
N LYS E 93 8.01 11.06 -0.27
CA LYS E 93 8.91 10.61 0.77
C LYS E 93 8.09 9.89 1.86
N ASN E 94 8.72 8.93 2.54
CA ASN E 94 8.09 8.22 3.64
C ASN E 94 8.04 9.05 4.91
N PHE E 95 7.28 8.55 5.89
CA PHE E 95 7.14 9.20 7.17
C PHE E 95 8.09 8.49 8.16
N ASP E 96 7.95 8.80 9.45
CA ASP E 96 8.93 8.43 10.51
C ASP E 96 9.98 9.56 10.55
N MET F 2 23.92 21.52 -55.08
CA MET F 2 24.15 20.36 -54.23
C MET F 2 23.46 19.12 -54.78
N ASP F 3 23.44 18.04 -53.99
CA ASP F 3 23.46 16.69 -54.54
C ASP F 3 22.74 15.73 -53.59
N VAL F 4 21.92 16.29 -52.71
CA VAL F 4 20.94 15.49 -51.97
C VAL F 4 21.58 14.65 -50.88
N GLN F 5 22.42 13.70 -51.28
CA GLN F 5 23.28 12.99 -50.35
C GLN F 5 24.34 13.91 -49.74
N GLU F 6 24.99 14.69 -50.60
CA GLU F 6 25.90 15.75 -50.14
C GLU F 6 25.23 16.87 -49.31
N THR F 7 23.96 17.16 -49.60
CA THR F 7 23.17 18.16 -48.87
C THR F 7 22.85 17.68 -47.45
N GLN F 8 22.57 16.38 -47.33
CA GLN F 8 22.41 15.73 -46.03
C GLN F 8 23.77 15.79 -45.34
N LYS F 9 24.84 15.43 -46.05
CA LYS F 9 26.21 15.60 -45.57
C LYS F 9 26.38 17.00 -45.00
N GLY F 10 25.91 18.01 -45.73
CA GLY F 10 26.02 19.39 -45.32
C GLY F 10 25.06 19.81 -44.23
N ALA F 11 23.96 19.10 -44.10
CA ALA F 11 22.94 19.46 -43.12
C ALA F 11 23.17 18.77 -41.78
N LEU F 12 23.75 17.59 -41.81
CA LEU F 12 24.03 16.84 -40.58
C LEU F 12 25.15 17.51 -39.78
N LYS F 13 26.20 17.92 -40.48
CA LYS F 13 27.32 18.64 -39.86
C LYS F 13 26.88 19.92 -39.16
N GLU F 14 25.90 20.60 -39.74
CA GLU F 14 25.28 21.77 -39.13
C GLU F 14 24.56 21.40 -37.84
N ILE F 15 24.03 20.17 -37.81
CA ILE F 15 23.23 19.73 -36.69
C ILE F 15 24.10 19.12 -35.60
N GLN F 16 25.31 18.71 -35.99
CA GLN F 16 26.31 18.28 -35.04
C GLN F 16 26.79 19.51 -34.32
N ALA F 17 27.18 20.54 -35.07
CA ALA F 17 27.68 21.79 -34.50
C ALA F 17 26.67 22.41 -33.57
N PHE F 18 25.40 22.30 -33.95
CA PHE F 18 24.28 22.86 -33.18
C PHE F 18 24.16 22.24 -31.78
N ILE F 19 24.33 20.92 -31.70
CA ILE F 19 24.22 20.23 -30.42
C ILE F 19 25.47 20.30 -29.54
N ARG F 20 26.61 20.58 -30.15
CA ARG F 20 27.78 21.00 -29.40
C ARG F 20 27.49 22.39 -28.86
N SER F 21 27.17 23.31 -29.78
CA SER F 21 26.85 24.70 -29.45
C SER F 21 25.87 24.87 -28.28
N ARG F 22 25.07 23.84 -28.03
CA ARG F 22 24.05 23.90 -26.97
C ARG F 22 24.45 23.11 -25.73
N THR F 23 23.68 23.31 -24.67
CA THR F 23 23.87 22.64 -23.41
C THR F 23 22.59 21.89 -23.11
N SER F 24 22.69 20.76 -22.40
CA SER F 24 21.49 19.99 -22.01
C SER F 24 20.45 20.88 -21.31
N TYR F 25 20.94 21.89 -20.62
CA TYR F 25 20.11 22.92 -19.99
C TYR F 25 19.15 23.59 -20.98
N ASP F 26 19.63 23.87 -22.19
CA ASP F 26 18.85 24.64 -23.18
C ASP F 26 17.63 23.87 -23.70
N VAL F 27 17.56 22.59 -23.36
CA VAL F 27 16.52 21.70 -23.87
C VAL F 27 15.34 21.69 -22.91
N LEU F 28 15.55 22.21 -21.71
CA LEU F 28 14.50 22.28 -20.71
C LEU F 28 13.51 23.43 -21.00
N PRO F 29 12.22 23.23 -20.64
CA PRO F 29 11.21 24.30 -20.63
C PRO F 29 11.69 25.48 -19.80
N THR F 30 11.06 26.64 -19.94
CA THR F 30 11.47 27.72 -19.05
C THR F 30 11.11 27.36 -17.62
N SER F 31 9.91 26.84 -17.42
CA SER F 31 9.41 26.54 -16.10
C SER F 31 8.74 25.15 -16.09
N PHE F 32 9.32 24.21 -15.37
CA PHE F 32 8.91 22.83 -15.47
C PHE F 32 8.87 22.13 -14.12
N ARG F 33 8.22 20.97 -14.07
CA ARG F 33 8.09 20.23 -12.82
CA ARG F 33 8.08 20.22 -12.84
C ARG F 33 9.00 19.00 -12.86
N LEU F 34 9.33 18.45 -11.68
CA LEU F 34 10.16 17.24 -11.60
C LEU F 34 9.78 16.30 -10.43
N ILE F 35 9.29 15.10 -10.77
CA ILE F 35 8.84 14.14 -9.76
C ILE F 35 9.98 13.21 -9.28
N VAL F 36 10.19 13.17 -7.97
CA VAL F 36 11.28 12.39 -7.37
C VAL F 36 10.75 11.44 -6.31
N PHE F 37 11.17 10.18 -6.38
CA PHE F 37 10.87 9.22 -5.30
C PHE F 37 12.06 8.99 -4.36
N ASP F 38 11.78 8.94 -3.07
CA ASP F 38 12.74 8.57 -2.05
C ASP F 38 13.11 7.08 -2.20
N VAL F 39 14.40 6.78 -2.27
CA VAL F 39 14.87 5.40 -2.45
C VAL F 39 14.21 4.36 -1.54
N THR F 40 13.78 4.79 -0.36
CA THR F 40 13.23 3.87 0.62
C THR F 40 11.74 3.65 0.48
N LEU F 41 11.14 4.24 -0.57
CA LEU F 41 9.74 4.01 -0.94
C LEU F 41 9.50 2.57 -1.35
N PHE F 42 8.45 1.97 -0.81
CA PHE F 42 7.94 0.68 -1.28
C PHE F 42 7.68 0.68 -2.78
N VAL F 43 7.81 -0.48 -3.42
CA VAL F 43 7.60 -0.56 -4.87
C VAL F 43 6.14 -0.28 -5.26
N LYS F 44 5.22 -0.96 -4.62
CA LYS F 44 3.80 -0.74 -4.83
C LYS F 44 3.43 0.75 -4.86
N THR F 45 3.82 1.49 -3.82
CA THR F 45 3.49 2.91 -3.72
C THR F 45 4.14 3.74 -4.82
N SER F 46 5.36 3.34 -5.22
CA SER F 46 6.01 3.99 -6.35
C SER F 46 5.17 3.78 -7.59
N LEU F 47 4.67 2.56 -7.77
CA LEU F 47 3.85 2.26 -8.94
C LEU F 47 2.58 3.08 -8.95
N SER F 48 1.91 3.16 -7.81
CA SER F 48 0.79 4.07 -7.65
C SER F 48 1.16 5.55 -7.86
N LEU F 49 2.38 5.94 -7.51
CA LEU F 49 2.78 7.33 -7.73
C LEU F 49 3.05 7.60 -9.20
N LEU F 50 3.44 6.56 -9.93
CA LEU F 50 3.83 6.69 -11.34
C LEU F 50 2.59 6.84 -12.19
N THR F 51 1.54 6.10 -11.83
CA THR F 51 0.33 6.05 -12.63
C THR F 51 -0.54 7.29 -12.38
N LEU F 52 -0.74 7.57 -11.08
CA LEU F 52 -1.39 8.78 -10.56
C LEU F 52 -0.90 10.05 -11.26
N ASN F 53 0.41 10.12 -11.51
CA ASN F 53 1.06 11.29 -12.06
C ASN F 53 1.36 11.20 -13.57
N ASN F 54 0.84 10.13 -14.18
CA ASN F 54 0.94 9.88 -15.62
C ASN F 54 2.38 9.89 -16.16
N ILE F 55 3.32 9.47 -15.31
CA ILE F 55 4.72 9.40 -15.73
C ILE F 55 5.20 7.95 -15.79
N VAL F 56 6.35 7.73 -16.42
CA VAL F 56 6.92 6.38 -16.58
C VAL F 56 8.32 6.20 -15.95
N SER F 57 8.83 7.22 -15.29
CA SER F 57 10.15 7.16 -14.72
C SER F 57 10.19 8.16 -13.60
N ALA F 58 11.14 7.99 -12.69
CA ALA F 58 11.36 8.99 -11.65
C ALA F 58 12.75 8.86 -11.11
N PRO F 59 13.47 9.98 -11.03
CA PRO F 59 14.73 10.00 -10.33
C PRO F 59 14.51 9.60 -8.89
N LEU F 60 15.54 9.06 -8.26
CA LEU F 60 15.46 8.61 -6.88
C LEU F 60 16.39 9.44 -6.00
N TRP F 61 16.01 9.59 -4.73
CA TRP F 61 16.68 10.49 -3.82
C TRP F 61 16.92 9.79 -2.48
N ASP F 62 18.12 9.98 -1.95
CA ASP F 62 18.57 9.45 -0.68
C ASP F 62 18.67 10.64 0.25
N SER F 63 17.66 10.82 1.10
CA SER F 63 17.64 11.99 1.97
C SER F 63 18.85 11.99 2.90
N GLU F 64 19.00 10.84 3.60
CA GLU F 64 20.09 10.60 4.56
C GLU F 64 21.39 11.19 4.05
N ALA F 65 21.89 10.61 2.94
CA ALA F 65 23.10 11.06 2.28
C ALA F 65 22.96 12.41 1.58
N ASN F 66 21.76 12.69 1.06
CA ASN F 66 21.47 13.83 0.16
C ASN F 66 22.05 13.66 -1.24
N LYS F 67 21.95 12.45 -1.77
CA LYS F 67 22.52 12.12 -3.06
C LYS F 67 21.49 11.57 -4.02
N PHE F 68 21.85 11.53 -5.30
CA PHE F 68 21.11 10.83 -6.34
C PHE F 68 21.31 9.33 -6.10
N ALA F 69 20.27 8.54 -6.38
CA ALA F 69 20.30 7.09 -6.13
C ALA F 69 19.84 6.21 -7.31
N GLY F 70 19.78 6.78 -8.51
CA GLY F 70 19.41 6.00 -9.66
C GLY F 70 18.14 6.48 -10.33
N LEU F 71 17.72 5.76 -11.36
CA LEU F 71 16.62 6.21 -12.17
C LEU F 71 15.63 5.09 -12.26
N LEU F 72 14.53 5.21 -11.52
CA LEU F 72 13.45 4.25 -11.67
C LEU F 72 12.82 4.40 -13.04
N THR F 73 13.06 3.42 -13.91
CA THR F 73 12.35 3.31 -15.17
C THR F 73 11.73 1.93 -15.25
N MET F 74 10.98 1.68 -16.31
CA MET F 74 10.33 0.38 -16.48
C MET F 74 11.33 -0.77 -16.69
N ALA F 75 12.48 -0.44 -17.26
CA ALA F 75 13.52 -1.43 -17.51
C ALA F 75 13.96 -2.12 -16.23
N ASP F 76 13.78 -1.48 -15.08
CA ASP F 76 13.99 -2.16 -13.80
C ASP F 76 13.03 -3.32 -13.67
N PHE F 77 11.74 -3.06 -13.83
CA PHE F 77 10.72 -4.11 -13.69
C PHE F 77 10.79 -5.15 -14.81
N VAL F 78 11.22 -4.73 -15.99
CA VAL F 78 11.38 -5.70 -17.06
C VAL F 78 12.58 -6.58 -16.77
N ASN F 79 13.64 -5.97 -16.26
CA ASN F 79 14.81 -6.76 -15.95
C ASN F 79 14.55 -7.78 -14.85
N VAL F 80 13.85 -7.38 -13.79
CA VAL F 80 13.59 -8.30 -12.69
C VAL F 80 12.53 -9.38 -13.04
N ILE F 81 11.39 -8.99 -13.64
CA ILE F 81 10.35 -9.94 -14.10
C ILE F 81 10.91 -10.98 -15.08
N LYS F 82 12.03 -10.64 -15.72
CA LYS F 82 12.73 -11.58 -16.57
C LYS F 82 13.45 -12.65 -15.74
N TYR F 83 14.06 -12.25 -14.62
CA TYR F 83 14.95 -13.15 -13.88
C TYR F 83 14.24 -14.22 -13.09
N TYR F 84 13.05 -13.91 -12.57
CA TYR F 84 12.22 -14.92 -11.91
C TYR F 84 11.75 -15.98 -12.92
N TYR F 85 11.00 -15.56 -13.94
CA TYR F 85 10.59 -16.50 -14.97
C TYR F 85 11.77 -17.38 -15.37
N GLN F 86 12.91 -16.75 -15.58
CA GLN F 86 14.13 -17.44 -16.03
C GLN F 86 14.71 -18.35 -14.95
N SER F 87 14.62 -17.94 -13.68
CA SER F 87 15.30 -18.70 -12.62
C SER F 87 14.53 -18.86 -11.31
N SER F 88 13.22 -19.05 -11.40
CA SER F 88 12.46 -19.51 -10.27
C SER F 88 11.52 -20.60 -10.71
N SER F 89 11.48 -21.69 -9.97
CA SER F 89 10.61 -22.80 -10.30
C SER F 89 9.16 -22.51 -9.86
N PHE F 90 8.97 -21.40 -9.15
CA PHE F 90 7.71 -21.07 -8.50
C PHE F 90 7.07 -19.79 -9.07
N PRO F 91 5.92 -19.92 -9.78
CA PRO F 91 5.28 -18.85 -10.53
C PRO F 91 4.75 -17.68 -9.71
N GLU F 92 4.77 -17.76 -8.40
CA GLU F 92 4.19 -16.69 -7.61
C GLU F 92 5.27 -15.94 -6.83
N ALA F 93 6.52 -16.39 -6.96
CA ALA F 93 7.61 -15.79 -6.17
C ALA F 93 7.73 -14.29 -6.43
N ILE F 94 7.52 -13.90 -7.70
CA ILE F 94 7.39 -12.50 -8.09
C ILE F 94 6.60 -11.67 -7.07
N ALA F 95 5.66 -12.32 -6.37
CA ALA F 95 4.93 -11.63 -5.33
C ALA F 95 5.86 -10.74 -4.49
N GLU F 96 6.88 -11.35 -3.87
CA GLU F 96 7.76 -10.67 -2.91
C GLU F 96 8.21 -9.25 -3.29
N ILE F 97 8.30 -8.96 -4.58
CA ILE F 97 8.87 -7.67 -4.98
C ILE F 97 8.00 -6.45 -4.64
N ASP F 98 6.70 -6.69 -4.40
CA ASP F 98 5.81 -5.63 -3.88
C ASP F 98 6.20 -5.22 -2.46
N LYS F 99 6.61 -6.22 -1.67
CA LYS F 99 7.12 -5.98 -0.34
C LYS F 99 8.43 -5.19 -0.34
N PHE F 100 9.33 -5.52 -1.27
CA PHE F 100 10.62 -4.81 -1.45
C PHE F 100 10.47 -3.28 -1.50
N ARG F 101 11.47 -2.56 -1.00
CA ARG F 101 11.53 -1.12 -1.30
C ARG F 101 12.31 -0.90 -2.60
N LEU F 102 12.28 0.31 -3.17
CA LEU F 102 13.02 0.55 -4.41
C LEU F 102 14.45 0.20 -4.15
N LEU F 103 15.02 0.75 -3.09
CA LEU F 103 16.39 0.41 -2.66
C LEU F 103 16.67 -1.09 -2.72
N GLY F 104 15.78 -1.91 -2.18
CA GLY F 104 15.93 -3.35 -2.27
C GLY F 104 15.90 -3.89 -3.70
N LEU F 105 14.89 -3.44 -4.46
CA LEU F 105 14.66 -3.85 -5.85
C LEU F 105 15.91 -3.60 -6.71
N ARG F 106 16.60 -2.49 -6.44
CA ARG F 106 17.82 -2.09 -7.15
C ARG F 106 19.09 -2.89 -6.79
N GLU F 107 19.23 -3.28 -5.52
CA GLU F 107 20.36 -4.18 -5.14
C GLU F 107 20.15 -5.65 -5.58
N VAL F 108 18.87 -6.03 -5.74
CA VAL F 108 18.48 -7.21 -6.51
C VAL F 108 18.98 -7.08 -7.97
N GLU F 109 18.60 -6.00 -8.65
CA GLU F 109 19.16 -5.66 -9.96
C GLU F 109 20.71 -5.68 -10.02
N ARG F 110 21.36 -5.07 -9.05
CA ARG F 110 22.82 -5.07 -8.97
C ARG F 110 23.41 -6.48 -8.77
N LYS F 111 22.61 -7.37 -8.17
CA LYS F 111 23.00 -8.75 -7.92
C LYS F 111 23.07 -9.58 -9.21
N ILE F 112 22.26 -9.20 -10.20
CA ILE F 112 22.22 -9.89 -11.50
C ILE F 112 22.92 -9.13 -12.63
N GLY F 113 23.24 -7.86 -12.39
CA GLY F 113 23.94 -7.03 -13.36
C GLY F 113 23.07 -6.30 -14.38
N ALA F 114 21.86 -5.92 -13.97
CA ALA F 114 20.99 -5.10 -14.81
C ALA F 114 21.61 -3.72 -14.95
N ILE F 115 21.68 -2.98 -13.84
CA ILE F 115 22.47 -1.74 -13.80
C ILE F 115 23.94 -2.04 -13.49
N PRO F 116 24.84 -1.16 -13.96
CA PRO F 116 26.25 -1.34 -13.61
C PRO F 116 26.56 -0.71 -12.26
N PRO F 117 27.82 -0.86 -11.77
CA PRO F 117 28.24 -0.05 -10.62
C PRO F 117 28.05 1.43 -10.95
N GLU F 118 28.51 1.82 -12.14
CA GLU F 118 28.39 3.17 -12.66
C GLU F 118 26.94 3.63 -12.74
N THR F 119 26.65 4.81 -12.19
CA THR F 119 25.37 5.50 -12.43
C THR F 119 25.64 6.67 -13.40
N ILE F 120 24.95 6.68 -14.55
CA ILE F 120 25.27 7.67 -15.60
C ILE F 120 24.57 9.01 -15.41
N TYR F 121 25.33 10.08 -15.59
CA TYR F 121 24.85 11.41 -15.29
C TYR F 121 25.66 12.42 -16.08
N VAL F 122 25.00 13.46 -16.55
CA VAL F 122 25.68 14.57 -17.19
C VAL F 122 25.35 15.90 -16.49
N HIS F 123 26.26 16.86 -16.58
CA HIS F 123 26.01 18.15 -15.99
C HIS F 123 25.16 18.99 -16.95
N PRO F 124 24.14 19.69 -16.42
CA PRO F 124 23.21 20.47 -17.25
C PRO F 124 23.85 21.53 -18.11
N MET F 125 24.92 22.16 -17.62
CA MET F 125 25.59 23.25 -18.38
C MET F 125 26.64 22.76 -19.38
N HIS F 126 26.82 21.44 -19.47
CA HIS F 126 27.70 20.85 -20.47
C HIS F 126 27.07 20.73 -21.83
N SER F 127 27.90 20.41 -22.82
CA SER F 127 27.42 20.36 -24.18
C SER F 127 26.26 19.39 -24.28
N LEU F 128 25.27 19.73 -25.12
CA LEU F 128 24.16 18.85 -25.39
C LEU F 128 24.73 17.54 -25.98
N MET F 129 25.82 17.65 -26.72
CA MET F 129 26.54 16.49 -27.25
C MET F 129 26.81 15.41 -26.19
N ASP F 130 27.29 15.84 -25.02
CA ASP F 130 27.69 14.95 -23.95
C ASP F 130 26.68 13.86 -23.72
N ALA F 131 25.47 14.28 -23.34
CA ALA F 131 24.36 13.40 -22.95
C ALA F 131 23.91 12.46 -24.06
N CYS F 132 24.14 12.90 -25.30
CA CYS F 132 23.88 12.08 -26.46
C CYS F 132 24.94 10.98 -26.47
N LEU F 133 26.22 11.37 -26.42
CA LEU F 133 27.29 10.39 -26.34
C LEU F 133 27.23 9.63 -25.03
N ALA F 134 26.51 10.17 -24.05
CA ALA F 134 26.34 9.50 -22.76
C ALA F 134 25.35 8.38 -22.92
N MET F 135 24.27 8.68 -23.66
CA MET F 135 23.18 7.75 -23.88
C MET F 135 23.49 6.72 -24.97
N SER F 136 24.43 7.05 -25.85
CA SER F 136 24.79 6.20 -26.96
C SER F 136 25.59 5.01 -26.47
N LYS F 137 26.58 5.29 -25.63
CA LYS F 137 27.49 4.30 -25.08
C LYS F 137 26.78 3.34 -24.13
N SER F 138 25.85 3.86 -23.34
CA SER F 138 25.17 3.09 -22.30
C SER F 138 23.93 2.32 -22.79
N ARG F 139 23.48 2.65 -24.00
CA ARG F 139 22.21 2.16 -24.58
C ARG F 139 20.98 2.74 -23.85
N ALA F 140 21.19 3.55 -22.81
CA ALA F 140 20.10 4.07 -21.99
C ALA F 140 19.31 5.17 -22.70
N ARG F 141 17.98 5.13 -22.58
CA ARG F 141 17.11 6.03 -23.34
C ARG F 141 16.84 7.38 -22.65
N ARG F 142 17.16 7.45 -21.35
CA ARG F 142 17.03 8.69 -20.58
C ARG F 142 18.30 8.87 -19.76
N ILE F 143 18.82 10.09 -19.74
CA ILE F 143 19.90 10.40 -18.81
C ILE F 143 19.41 11.49 -17.85
N PRO F 144 19.76 11.36 -16.55
CA PRO F 144 19.55 12.43 -15.57
C PRO F 144 20.47 13.64 -15.76
N LEU F 145 19.97 14.82 -15.45
CA LEU F 145 20.75 16.05 -15.42
C LEU F 145 20.97 16.42 -13.98
N ILE F 146 22.23 16.47 -13.57
CA ILE F 146 22.58 16.63 -12.15
C ILE F 146 23.68 17.65 -11.90
N ASP F 147 23.32 18.74 -11.21
CA ASP F 147 24.26 19.79 -10.82
C ASP F 147 24.67 19.50 -9.37
N VAL F 148 25.60 20.26 -8.81
CA VAL F 148 25.96 19.99 -7.41
C VAL F 148 26.12 21.21 -6.53
N ASP F 149 25.39 21.21 -5.42
CA ASP F 149 25.44 22.27 -4.42
C ASP F 149 26.82 22.37 -3.78
N GLY F 150 27.43 23.53 -3.89
CA GLY F 150 28.81 23.74 -3.43
C GLY F 150 29.03 23.73 -1.93
N GLU F 151 28.05 24.23 -1.18
CA GLU F 151 28.21 24.47 0.26
C GLU F 151 27.74 23.29 1.11
N THR F 152 26.57 22.75 0.79
CA THR F 152 26.09 21.56 1.48
C THR F 152 26.81 20.33 0.98
N GLY F 153 27.03 20.26 -0.34
CA GLY F 153 27.63 19.09 -0.97
C GLY F 153 26.56 18.08 -1.37
N SER F 154 25.37 18.58 -1.66
CA SER F 154 24.26 17.72 -2.05
C SER F 154 24.07 17.78 -3.56
N GLU F 155 23.89 16.61 -4.17
CA GLU F 155 23.65 16.51 -5.61
C GLU F 155 22.30 17.15 -5.92
N MET F 156 22.27 18.14 -6.82
CA MET F 156 21.01 18.73 -7.30
C MET F 156 20.59 18.12 -8.63
N ILE F 157 19.46 17.42 -8.64
CA ILE F 157 18.91 16.88 -9.87
C ILE F 157 17.95 17.90 -10.53
N VAL F 158 18.28 18.36 -11.74
CA VAL F 158 17.58 19.46 -12.40
C VAL F 158 16.42 18.99 -13.29
N SER F 159 16.67 17.90 -14.03
CA SER F 159 15.65 17.19 -14.86
C SER F 159 16.19 15.86 -15.41
N VAL F 160 15.39 15.18 -16.23
CA VAL F 160 15.81 13.95 -16.91
C VAL F 160 15.54 14.11 -18.38
N LEU F 161 16.60 14.25 -19.18
CA LEU F 161 16.44 14.32 -20.64
C LEU F 161 16.17 12.94 -21.20
N THR F 162 15.07 12.84 -21.94
CA THR F 162 14.77 11.67 -22.76
C THR F 162 15.35 11.89 -24.17
N GLN F 163 15.47 10.84 -24.97
CA GLN F 163 16.02 10.99 -26.33
C GLN F 163 15.08 11.74 -27.29
N TYR F 164 13.78 11.67 -27.01
CA TYR F 164 12.74 12.31 -27.83
C TYR F 164 12.79 13.84 -27.82
N ARG F 165 12.95 14.41 -26.62
CA ARG F 165 12.95 15.87 -26.43
C ARG F 165 14.19 16.54 -27.05
N ILE F 166 15.28 15.80 -27.21
CA ILE F 166 16.46 16.25 -27.93
C ILE F 166 16.06 16.40 -29.40
N LEU F 167 15.48 15.33 -29.92
CA LEU F 167 15.03 15.26 -31.30
C LEU F 167 13.87 16.24 -31.59
N LYS F 168 13.01 16.45 -30.58
CA LYS F 168 12.05 17.56 -30.56
C LYS F 168 12.74 18.94 -30.56
N PHE F 169 13.75 19.11 -29.71
CA PHE F 169 14.51 20.37 -29.62
C PHE F 169 15.18 20.76 -30.95
N ILE F 170 15.75 19.77 -31.63
CA ILE F 170 16.43 20.07 -32.89
C ILE F 170 15.50 20.12 -34.09
N SER F 171 14.37 19.42 -34.08
CA SER F 171 13.39 19.63 -35.16
C SER F 171 12.89 21.05 -35.04
N MET F 172 12.58 21.47 -33.82
CA MET F 172 12.07 22.81 -33.58
C MET F 172 13.11 23.87 -33.87
N ASN F 173 14.31 23.74 -33.29
CA ASN F 173 15.31 24.78 -33.49
C ASN F 173 16.07 24.75 -34.82
N CYS F 174 16.34 23.55 -35.36
CA CYS F 174 17.11 23.43 -36.61
C CYS F 174 16.30 23.57 -37.90
N LYS F 175 16.35 24.78 -38.49
CA LYS F 175 15.78 25.06 -39.81
C LYS F 175 16.31 24.09 -40.86
N GLU F 176 17.39 23.38 -40.51
CA GLU F 176 18.10 22.52 -41.44
C GLU F 176 17.53 21.10 -41.54
N THR F 177 16.60 20.76 -40.66
CA THR F 177 15.93 19.44 -40.74
C THR F 177 15.30 19.22 -42.11
N ALA F 178 14.96 20.32 -42.78
CA ALA F 178 14.43 20.28 -44.13
C ALA F 178 15.48 19.78 -45.11
N MET F 179 16.72 20.21 -44.89
CA MET F 179 17.84 19.91 -45.78
C MET F 179 18.30 18.43 -45.70
N LEU F 180 17.43 17.57 -45.19
CA LEU F 180 17.67 16.14 -45.13
C LEU F 180 16.66 15.47 -46.05
N ARG F 181 17.11 14.66 -47.01
CA ARG F 181 16.19 14.08 -48.00
C ARG F 181 16.62 12.72 -48.59
N VAL F 182 17.50 12.02 -47.88
CA VAL F 182 18.02 10.73 -48.37
C VAL F 182 17.12 9.59 -47.91
N PRO F 183 16.60 8.80 -48.88
CA PRO F 183 15.76 7.63 -48.57
C PRO F 183 16.44 6.70 -47.56
N LEU F 184 15.65 6.15 -46.64
CA LEU F 184 16.16 5.27 -45.60
C LEU F 184 16.92 4.08 -46.18
N ASN F 185 16.46 3.59 -47.34
CA ASN F 185 17.16 2.51 -48.03
C ASN F 185 18.50 2.95 -48.59
N GLN F 186 18.58 4.20 -49.06
CA GLN F 186 19.85 4.75 -49.53
C GLN F 186 20.81 5.01 -48.35
N MET F 187 20.33 4.94 -47.12
CA MET F 187 21.19 5.15 -45.96
C MET F 187 21.19 3.97 -44.96
N THR F 188 22.38 3.56 -44.52
CA THR F 188 22.51 2.40 -43.62
C THR F 188 22.21 2.74 -42.14
N ILE F 189 20.97 2.46 -41.74
CA ILE F 189 20.41 2.79 -40.42
C ILE F 189 19.14 2.00 -40.15
N GLY F 190 18.88 1.73 -38.88
CA GLY F 190 17.76 0.89 -38.45
C GLY F 190 18.09 -0.58 -38.57
N THR F 191 17.27 -1.41 -37.93
CA THR F 191 17.46 -2.84 -38.00
C THR F 191 16.47 -3.37 -39.01
N TRP F 192 16.95 -4.22 -39.91
CA TRP F 192 16.13 -4.71 -41.02
C TRP F 192 16.11 -6.23 -41.03
N SER F 193 16.94 -6.82 -40.18
CA SER F 193 17.11 -8.26 -40.14
C SER F 193 17.22 -8.74 -38.70
N ASN F 194 16.74 -9.95 -38.47
CA ASN F 194 16.50 -10.54 -37.14
C ASN F 194 15.81 -9.62 -36.17
N LEU F 195 14.65 -9.15 -36.62
CA LEU F 195 13.75 -8.39 -35.78
C LEU F 195 13.14 -9.35 -34.77
N ALA F 196 12.77 -8.84 -33.61
CA ALA F 196 12.15 -9.67 -32.60
C ALA F 196 10.68 -9.33 -32.55
N THR F 197 9.84 -10.25 -32.99
CA THR F 197 8.42 -9.92 -33.13
C THR F 197 7.50 -11.00 -32.54
N ALA F 198 6.44 -10.56 -31.84
CA ALA F 198 5.47 -11.47 -31.26
C ALA F 198 4.08 -11.40 -31.89
N SER F 199 3.25 -12.39 -31.59
CA SER F 199 1.88 -12.39 -32.03
C SER F 199 1.01 -12.04 -30.82
N MET F 200 -0.27 -11.80 -31.09
CA MET F 200 -1.27 -11.56 -30.05
C MET F 200 -1.33 -12.73 -29.10
N GLU F 201 -1.01 -13.93 -29.61
CA GLU F 201 -1.05 -15.16 -28.83
C GLU F 201 0.20 -15.40 -27.98
N THR F 202 1.23 -14.58 -28.15
CA THR F 202 2.45 -14.67 -27.34
C THR F 202 2.15 -14.32 -25.88
N LYS F 203 2.73 -15.06 -24.96
CA LYS F 203 2.59 -14.74 -23.55
C LYS F 203 3.36 -13.47 -23.24
N VAL F 204 2.78 -12.62 -22.39
CA VAL F 204 3.39 -11.33 -22.03
C VAL F 204 4.81 -11.51 -21.52
N TYR F 205 5.04 -12.59 -20.77
CA TYR F 205 6.35 -12.79 -20.17
C TYR F 205 7.40 -13.15 -21.21
N ASP F 206 6.95 -13.65 -22.36
CA ASP F 206 7.87 -13.93 -23.46
C ASP F 206 8.32 -12.68 -24.20
N VAL F 207 7.42 -11.72 -24.38
CA VAL F 207 7.87 -10.44 -24.91
C VAL F 207 8.79 -9.67 -23.92
N ILE F 208 8.48 -9.68 -22.61
CA ILE F 208 9.40 -9.05 -21.62
C ILE F 208 10.78 -9.68 -21.65
N LYS F 209 10.84 -11.01 -21.81
CA LYS F 209 12.09 -11.70 -22.03
C LYS F 209 12.84 -11.03 -23.20
N MET F 210 12.19 -10.94 -24.36
CA MET F 210 12.79 -10.37 -25.58
C MET F 210 13.30 -8.96 -25.37
N LEU F 211 12.58 -8.17 -24.57
CA LEU F 211 12.95 -6.79 -24.23
C LEU F 211 14.25 -6.70 -23.43
N ALA F 212 14.20 -7.26 -22.23
CA ALA F 212 15.37 -7.50 -21.41
C ALA F 212 16.58 -7.97 -22.24
N GLU F 213 16.41 -9.07 -22.98
CA GLU F 213 17.53 -9.74 -23.69
C GLU F 213 18.05 -8.94 -24.88
N LYS F 214 17.15 -8.58 -25.78
CA LYS F 214 17.46 -7.74 -26.94
C LYS F 214 17.67 -6.28 -26.56
N ASN F 215 17.80 -5.99 -25.27
CA ASN F 215 17.81 -4.61 -24.73
C ASN F 215 16.99 -3.62 -25.53
N ILE F 216 15.76 -4.00 -25.85
CA ILE F 216 14.93 -3.14 -26.67
C ILE F 216 13.81 -2.50 -25.87
N SER F 217 13.28 -1.41 -26.42
CA SER F 217 12.22 -0.66 -25.74
C SER F 217 10.83 -1.24 -26.03
N ALA F 218 10.72 -1.97 -27.14
CA ALA F 218 9.43 -2.49 -27.60
C ALA F 218 9.51 -3.58 -28.71
N VAL F 219 8.45 -4.37 -28.80
CA VAL F 219 8.34 -5.42 -29.80
C VAL F 219 7.13 -5.19 -30.67
N PRO F 220 7.32 -5.13 -31.99
CA PRO F 220 6.19 -5.06 -32.94
C PRO F 220 5.37 -6.37 -32.98
N ILE F 221 4.07 -6.26 -33.19
CA ILE F 221 3.21 -7.44 -33.27
C ILE F 221 2.55 -7.58 -34.64
N VAL F 222 2.76 -8.75 -35.24
CA VAL F 222 2.20 -9.11 -36.53
C VAL F 222 1.14 -10.22 -36.42
N ASN F 223 0.68 -10.71 -37.56
CA ASN F 223 -0.17 -11.87 -37.57
C ASN F 223 0.41 -12.87 -38.55
N SER F 224 -0.37 -13.90 -38.90
CA SER F 224 0.16 -14.96 -39.73
C SER F 224 0.86 -14.40 -40.97
N GLU F 225 0.22 -13.44 -41.63
CA GLU F 225 0.72 -12.89 -42.90
C GLU F 225 1.92 -11.95 -42.72
N GLY F 226 2.23 -11.60 -41.48
CA GLY F 226 3.35 -10.68 -41.19
C GLY F 226 2.99 -9.21 -41.17
N THR F 227 1.69 -8.90 -41.28
CA THR F 227 1.23 -7.52 -41.31
C THR F 227 1.22 -6.89 -39.91
N LEU F 228 1.81 -5.69 -39.78
CA LEU F 228 1.94 -4.98 -38.51
C LEU F 228 0.59 -4.66 -37.98
N LEU F 229 0.41 -4.73 -36.68
CA LEU F 229 -0.89 -4.43 -36.09
C LEU F 229 -0.74 -3.49 -34.89
N ASN F 230 0.21 -3.80 -34.02
CA ASN F 230 0.36 -3.08 -32.76
C ASN F 230 1.79 -3.15 -32.23
N VAL F 231 2.00 -2.63 -31.03
CA VAL F 231 3.28 -2.77 -30.34
C VAL F 231 3.05 -3.11 -28.86
N TYR F 232 3.96 -3.90 -28.29
CA TYR F 232 3.99 -4.10 -26.86
C TYR F 232 5.24 -3.42 -26.32
N GLU F 233 5.05 -2.57 -25.32
CA GLU F 233 6.12 -1.75 -24.81
C GLU F 233 6.51 -2.13 -23.39
N SER F 234 7.75 -1.82 -23.02
CA SER F 234 8.19 -1.98 -21.63
C SER F 234 7.33 -1.10 -20.72
N VAL F 235 6.76 -0.04 -21.29
CA VAL F 235 5.89 0.87 -20.55
C VAL F 235 4.44 0.39 -20.46
N ASP F 236 4.11 -0.68 -21.21
CA ASP F 236 2.80 -1.31 -21.14
C ASP F 236 2.72 -2.31 -20.01
N VAL F 237 3.83 -2.50 -19.30
CA VAL F 237 3.87 -3.44 -18.20
C VAL F 237 3.27 -2.77 -16.98
N MET F 238 3.43 -1.45 -16.91
CA MET F 238 2.89 -0.64 -15.81
C MET F 238 1.42 -0.92 -15.58
N HIS F 239 0.64 -0.90 -16.66
CA HIS F 239 -0.80 -1.14 -16.58
C HIS F 239 -1.12 -2.56 -16.18
N LEU F 240 -0.21 -3.47 -16.53
CA LEU F 240 -0.27 -4.84 -16.03
C LEU F 240 -0.11 -4.89 -14.52
N ILE F 241 0.94 -4.25 -14.00
CA ILE F 241 1.27 -4.44 -12.58
C ILE F 241 0.75 -3.41 -11.58
N GLN F 242 0.18 -2.30 -12.06
CA GLN F 242 -0.30 -1.22 -11.17
C GLN F 242 -1.37 -1.68 -10.21
N ASP F 243 -2.25 -2.54 -10.69
CA ASP F 243 -3.29 -3.20 -9.91
C ASP F 243 -2.71 -4.18 -8.87
N GLY F 244 -1.40 -4.45 -8.95
CA GLY F 244 -0.64 -5.36 -8.12
C GLY F 244 -0.91 -6.81 -8.47
N ASP F 245 -1.34 -7.13 -9.66
CA ASP F 245 -1.59 -8.49 -10.08
C ASP F 245 -0.47 -8.93 -11.00
N TYR F 246 0.59 -9.47 -10.38
CA TYR F 246 1.75 -9.98 -11.11
C TYR F 246 1.49 -11.30 -11.90
N SER F 247 0.21 -11.67 -12.02
CA SER F 247 -0.20 -12.80 -12.85
C SER F 247 -0.68 -12.33 -14.22
N ASN F 248 -0.79 -11.01 -14.42
CA ASN F 248 -1.12 -10.43 -15.74
C ASN F 248 -0.01 -10.59 -16.78
N LEU F 249 1.06 -11.27 -16.37
CA LEU F 249 2.16 -11.60 -17.24
C LEU F 249 1.93 -12.98 -17.86
N ASP F 250 1.06 -13.79 -17.24
CA ASP F 250 0.65 -15.09 -17.80
C ASP F 250 -0.21 -14.85 -19.04
N LEU F 251 -0.88 -13.70 -19.07
CA LEU F 251 -1.79 -13.34 -20.13
C LEU F 251 -1.09 -13.35 -21.45
N SER F 252 -1.88 -13.36 -22.51
CA SER F 252 -1.38 -13.24 -23.88
C SER F 252 -1.27 -11.75 -24.20
N VAL F 253 -0.57 -11.44 -25.29
CA VAL F 253 -0.46 -10.04 -25.73
C VAL F 253 -1.84 -9.47 -26.07
N GLY F 254 -2.75 -10.35 -26.50
CA GLY F 254 -4.11 -9.96 -26.83
C GLY F 254 -4.85 -9.39 -25.63
N GLU F 255 -4.96 -10.19 -24.58
CA GLU F 255 -5.74 -9.77 -23.44
C GLU F 255 -5.11 -8.56 -22.76
N ALA F 256 -3.78 -8.57 -22.64
CA ALA F 256 -3.03 -7.43 -22.12
C ALA F 256 -3.39 -6.16 -22.88
N LEU F 257 -3.31 -6.19 -24.20
CA LEU F 257 -3.50 -4.98 -24.97
C LEU F 257 -4.91 -4.42 -24.86
N LEU F 258 -5.89 -5.29 -24.66
CA LEU F 258 -7.28 -4.84 -24.41
C LEU F 258 -7.41 -3.98 -23.16
N LYS F 259 -6.51 -4.19 -22.20
CA LYS F 259 -6.48 -3.40 -20.98
C LYS F 259 -5.80 -2.04 -21.19
N ARG F 260 -5.04 -1.91 -22.27
CA ARG F 260 -4.30 -0.68 -22.56
C ARG F 260 -5.22 0.52 -22.67
N PRO F 261 -4.93 1.59 -21.90
CA PRO F 261 -5.83 2.73 -21.87
C PRO F 261 -5.56 3.65 -23.05
N ALA F 262 -6.41 4.64 -23.22
CA ALA F 262 -6.36 5.42 -24.46
C ALA F 262 -5.41 6.62 -24.47
N ASN F 263 -4.46 6.71 -23.52
CA ASN F 263 -3.46 7.76 -23.61
C ASN F 263 -2.21 7.33 -24.37
N PHE F 264 -2.28 6.12 -24.93
CA PHE F 264 -1.28 5.54 -25.83
C PHE F 264 -0.84 6.50 -26.94
N ASP F 265 0.45 6.56 -27.21
CA ASP F 265 0.98 7.56 -28.16
C ASP F 265 0.78 7.26 -29.65
N GLY F 266 0.57 5.99 -29.99
CA GLY F 266 0.36 5.57 -31.39
C GLY F 266 1.32 4.46 -31.79
N VAL F 267 1.11 3.87 -32.97
CA VAL F 267 2.06 2.95 -33.56
C VAL F 267 2.54 3.51 -34.90
N HIS F 268 3.35 4.56 -34.85
CA HIS F 268 3.80 5.33 -36.02
C HIS F 268 4.57 4.50 -37.06
N THR F 269 4.23 4.66 -38.34
CA THR F 269 4.91 3.89 -39.41
C THR F 269 5.41 4.78 -40.54
N CYS F 270 6.31 4.22 -41.35
CA CYS F 270 6.87 4.93 -42.50
C CYS F 270 7.44 3.94 -43.49
N ARG F 271 7.98 4.44 -44.59
CA ARG F 271 8.48 3.59 -45.66
C ARG F 271 9.97 3.78 -45.91
N ALA F 272 10.58 2.77 -46.52
CA ALA F 272 12.01 2.78 -46.80
C ALA F 272 12.33 3.90 -47.80
N THR F 273 11.33 4.29 -48.59
CA THR F 273 11.44 5.42 -49.52
C THR F 273 11.56 6.75 -48.79
N ASP F 274 10.99 6.84 -47.59
CA ASP F 274 10.97 8.07 -46.80
C ASP F 274 12.35 8.54 -46.41
N ARG F 275 12.42 9.83 -46.09
CA ARG F 275 13.66 10.44 -45.63
C ARG F 275 13.43 11.13 -44.29
N LEU F 276 14.52 11.62 -43.68
CA LEU F 276 14.48 12.16 -42.31
C LEU F 276 13.72 13.48 -42.16
N ASP F 277 13.59 14.25 -43.24
CA ASP F 277 12.78 15.48 -43.20
C ASP F 277 11.33 15.17 -42.86
N GLY F 278 10.82 14.06 -43.38
CA GLY F 278 9.48 13.61 -43.05
C GLY F 278 9.44 13.09 -41.62
N ILE F 279 10.48 12.37 -41.22
CA ILE F 279 10.46 11.77 -39.90
C ILE F 279 10.61 12.83 -38.79
N PHE F 280 11.57 13.74 -38.93
CA PHE F 280 11.79 14.82 -37.97
C PHE F 280 10.56 15.72 -37.86
N ASP F 281 10.01 16.13 -38.99
CA ASP F 281 8.80 16.94 -39.01
C ASP F 281 7.67 16.28 -38.21
N ALA F 282 7.56 14.96 -38.32
CA ALA F 282 6.59 14.17 -37.56
C ALA F 282 6.79 14.31 -36.06
N ILE F 283 8.00 14.05 -35.59
CA ILE F 283 8.27 14.11 -34.16
C ILE F 283 8.05 15.54 -33.59
N LYS F 284 8.40 16.54 -34.40
CA LYS F 284 8.12 17.92 -34.09
C LYS F 284 6.67 18.10 -33.63
N HIS F 285 5.73 17.45 -34.30
CA HIS F 285 4.30 17.71 -34.02
C HIS F 285 3.57 16.68 -33.16
N SER F 286 4.12 15.48 -33.01
CA SER F 286 3.48 14.49 -32.16
C SER F 286 4.51 13.59 -31.48
N ARG F 287 4.08 12.98 -30.38
CA ARG F 287 4.93 12.11 -29.58
C ARG F 287 5.19 10.80 -30.34
N VAL F 288 6.46 10.50 -30.57
CA VAL F 288 6.91 9.29 -31.25
C VAL F 288 7.99 8.61 -30.38
N HIS F 289 8.23 7.31 -30.56
CA HIS F 289 9.40 6.68 -29.92
C HIS F 289 10.08 5.81 -30.97
N ARG F 290 9.35 5.53 -32.04
CA ARG F 290 9.87 4.69 -33.10
C ARG F 290 9.03 4.84 -34.33
N LEU F 291 9.64 4.54 -35.47
CA LEU F 291 8.89 4.35 -36.68
C LEU F 291 9.17 2.92 -37.10
N PHE F 292 8.10 2.20 -37.40
CA PHE F 292 8.22 0.85 -37.91
C PHE F 292 8.14 0.89 -39.44
N VAL F 293 9.27 0.68 -40.09
CA VAL F 293 9.29 0.66 -41.54
C VAL F 293 8.52 -0.57 -42.06
N VAL F 294 7.53 -0.28 -42.88
CA VAL F 294 6.66 -1.26 -43.52
C VAL F 294 6.52 -0.93 -45.00
N ASP F 295 6.01 -1.88 -45.78
CA ASP F 295 5.81 -1.68 -47.21
C ASP F 295 4.37 -1.30 -47.51
N GLU F 296 4.05 -1.22 -48.80
CA GLU F 296 2.70 -0.96 -49.34
C GLU F 296 1.60 -1.73 -48.62
N ASN F 297 1.84 -3.04 -48.40
CA ASN F 297 0.91 -3.96 -47.72
C ASN F 297 1.07 -4.02 -46.19
N LEU F 298 1.66 -2.98 -45.59
CA LEU F 298 1.92 -2.93 -44.14
C LEU F 298 2.83 -4.05 -43.58
N LYS F 299 3.56 -4.74 -44.46
CA LYS F 299 4.43 -5.82 -43.99
C LYS F 299 5.74 -5.26 -43.42
N LEU F 300 6.17 -5.83 -42.30
CA LEU F 300 7.30 -5.29 -41.51
C LEU F 300 8.67 -5.45 -42.16
N GLU F 301 9.26 -4.34 -42.58
CA GLU F 301 10.57 -4.34 -43.24
C GLU F 301 11.71 -4.05 -42.27
N GLY F 302 11.42 -3.22 -41.28
CA GLY F 302 12.43 -2.81 -40.33
C GLY F 302 11.93 -1.91 -39.22
N ILE F 303 12.84 -1.53 -38.35
CA ILE F 303 12.56 -0.65 -37.23
C ILE F 303 13.52 0.51 -37.23
N LEU F 304 12.99 1.70 -36.98
CA LEU F 304 13.82 2.88 -36.83
C LEU F 304 13.51 3.54 -35.49
N SER F 305 14.29 3.15 -34.48
CA SER F 305 14.25 3.70 -33.14
C SER F 305 14.74 5.13 -33.10
N LEU F 306 14.32 5.89 -32.09
CA LEU F 306 14.86 7.22 -31.81
C LEU F 306 16.38 7.22 -31.59
N ALA F 307 16.87 6.20 -30.90
CA ALA F 307 18.28 6.06 -30.62
C ALA F 307 19.02 5.92 -31.94
N ASP F 308 18.45 5.12 -32.85
CA ASP F 308 18.94 4.99 -34.21
C ASP F 308 19.14 6.38 -34.79
N ILE F 309 18.04 7.09 -34.96
CA ILE F 309 18.05 8.39 -35.61
C ILE F 309 18.88 9.45 -34.89
N LEU F 310 19.00 9.34 -33.57
CA LEU F 310 19.83 10.29 -32.84
C LEU F 310 21.28 9.97 -33.14
N ASN F 311 21.59 8.68 -33.17
CA ASN F 311 22.95 8.21 -33.40
C ASN F 311 23.45 8.47 -34.82
N TYR F 312 22.54 8.58 -35.78
CA TYR F 312 22.94 8.92 -37.13
C TYR F 312 23.51 10.34 -37.18
N ILE F 313 22.84 11.29 -36.52
CA ILE F 313 23.28 12.70 -36.56
C ILE F 313 24.37 13.04 -35.50
N ILE F 314 24.94 12.01 -34.89
CA ILE F 314 26.07 12.19 -33.98
C ILE F 314 27.40 11.99 -34.72
N TYR F 315 27.65 10.76 -35.18
CA TYR F 315 28.96 10.36 -35.70
C TYR F 315 29.24 10.91 -37.11
N ASP F 316 30.47 10.68 -37.61
CA ASP F 316 30.89 11.13 -38.96
C ASP F 316 30.86 12.65 -39.17
#